data_4W86
#
_entry.id   4W86
#
_cell.length_a   96.950
_cell.length_b   96.950
_cell.length_c   95.785
_cell.angle_alpha   90.000
_cell.angle_beta   90.000
_cell.angle_gamma   120.000
#
_symmetry.space_group_name_H-M   'P 31'
#
loop_
_entity.id
_entity.type
_entity.pdbx_description
1 polymer 'Xyloglucan-specific endo-beta-1,4-glucanase'
2 non-polymer 2-AMINO-2-HYDROXYMETHYL-PROPANE-1,3-DIOL
3 non-polymer beta-D-glucopyranose
4 non-polymer 'MAGNESIUM ION'
5 water water
#
_entity_poly.entity_id   1
_entity_poly.type   'polypeptide(L)'
_entity_poly.pdbx_seq_one_letter_code
;DRSRVFDILSNINIGWNLGNTLDATGGGNSVNAETSWGNPKTTQEIVDTVNDRGFNAIRIPVTFANHLGPAPEYTISADW
LARVKEVVDYAVNDG(MSE)YIILDTHHETNYWLKTDPNNEAALCEELAAIWKQLAEAFKDYDEKL(MSE)FEG(MSE)N
EPR(MSE)AGSAKEWSGGTPAERKLINA(MSE)NKAFIDAVRATGGNNADRVLIICTYGHNSDEPTLKDLEIPSDPNIAV
ALHTYTPYFFTYVADGSYSVWNGSKKNDITWQYNNIKKYLIDKGIPVVITETGAQFKENTEDIVRWIGDYVGTLDQDGVK
CFIWDNNIYHGNGEKFGLLNRSLLKWYNDDIVDAYVNHA
;
_entity_poly.pdbx_strand_id   A,B
#
loop_
_chem_comp.id
_chem_comp.type
_chem_comp.name
_chem_comp.formula
BGC D-saccharide, beta linking beta-D-glucopyranose 'C6 H12 O6'
MG non-polymer 'MAGNESIUM ION' 'Mg 2'
TRS non-polymer 2-AMINO-2-HYDROXYMETHYL-PROPANE-1,3-DIOL 'C4 H12 N O3 1'
#
# COMPACT_ATOMS: atom_id res chain seq x y z
N ASP A 1 -7.34 -8.54 1.94
CA ASP A 1 -8.65 -7.89 1.59
C ASP A 1 -8.45 -6.82 0.51
N ARG A 2 -9.15 -6.98 -0.61
CA ARG A 2 -9.06 -6.07 -1.75
C ARG A 2 -10.43 -5.46 -2.09
N SER A 3 -11.33 -5.48 -1.11
CA SER A 3 -12.74 -5.12 -1.33
C SER A 3 -12.97 -3.66 -1.70
N ARG A 4 -12.00 -2.80 -1.38
CA ARG A 4 -12.08 -1.39 -1.77
C ARG A 4 -12.11 -1.23 -3.28
N VAL A 5 -11.34 -2.08 -3.97
CA VAL A 5 -11.27 -2.07 -5.42
C VAL A 5 -12.58 -2.55 -6.04
N PHE A 6 -13.14 -3.62 -5.48
CA PHE A 6 -14.43 -4.16 -5.94
C PHE A 6 -15.56 -3.14 -5.82
N ASP A 7 -15.56 -2.36 -4.73
CA ASP A 7 -16.58 -1.34 -4.52
C ASP A 7 -16.50 -0.24 -5.57
N ILE A 8 -15.29 0.23 -5.86
CA ILE A 8 -15.09 1.27 -6.87
C ILE A 8 -15.55 0.76 -8.24
N LEU A 9 -15.15 -0.47 -8.58
CA LEU A 9 -15.51 -1.06 -9.87
C LEU A 9 -17.00 -1.33 -10.00
N SER A 10 -17.64 -1.76 -8.90
CA SER A 10 -19.07 -2.07 -8.93
C SER A 10 -19.94 -0.89 -9.38
N ASN A 11 -19.44 0.33 -9.23
CA ASN A 11 -20.14 1.53 -9.68
C ASN A 11 -20.17 1.70 -11.20
N ILE A 12 -19.31 0.97 -11.91
CA ILE A 12 -19.26 1.04 -13.36
C ILE A 12 -20.40 0.23 -13.96
N ASN A 13 -21.13 0.86 -14.88
CA ASN A 13 -22.09 0.14 -15.71
C ASN A 13 -21.31 -0.63 -16.77
N ILE A 14 -20.69 0.11 -17.68
CA ILE A 14 -19.87 -0.46 -18.73
C ILE A 14 -18.98 0.66 -19.31
N GLY A 15 -17.83 0.27 -19.84
CA GLY A 15 -16.81 1.24 -20.27
C GLY A 15 -16.72 1.48 -21.77
N TRP A 16 -15.93 2.50 -22.11
CA TRP A 16 -15.77 2.94 -23.49
C TRP A 16 -14.36 3.50 -23.70
N ASN A 17 -13.66 3.02 -24.74
CA ASN A 17 -12.31 3.50 -25.06
C ASN A 17 -12.32 4.64 -26.07
N LEU A 18 -11.59 5.71 -25.76
CA LEU A 18 -11.33 6.78 -26.71
C LEU A 18 -10.19 6.34 -27.65
N GLY A 19 -10.51 5.42 -28.55
CA GLY A 19 -9.50 4.78 -29.39
C GLY A 19 -8.99 5.65 -30.54
N ASN A 20 -7.77 5.32 -30.98
CA ASN A 20 -7.13 5.99 -32.12
C ASN A 20 -7.10 7.51 -32.00
N THR A 21 -6.87 7.99 -30.77
CA THR A 21 -6.91 9.41 -30.49
C THR A 21 -5.59 9.85 -29.86
N LEU A 22 -5.49 9.87 -28.53
CA LEU A 22 -4.24 10.23 -27.87
C LEU A 22 -3.21 9.10 -27.95
N ASP A 23 -3.67 7.91 -28.32
CA ASP A 23 -2.79 6.77 -28.59
C ASP A 23 -2.14 6.87 -29.98
N ALA A 24 -2.73 7.66 -30.87
CA ALA A 24 -2.20 7.86 -32.22
C ALA A 24 -0.75 8.36 -32.18
N THR A 25 0.07 7.87 -33.11
CA THR A 25 1.52 8.07 -33.06
C THR A 25 2.06 8.98 -34.17
N GLY A 26 1.19 9.65 -34.92
CA GLY A 26 1.61 10.61 -35.92
C GLY A 26 1.87 11.96 -35.27
N GLY A 27 2.24 12.94 -36.08
CA GLY A 27 2.41 14.32 -35.60
C GLY A 27 3.69 14.63 -34.83
N GLY A 28 4.50 13.61 -34.53
CA GLY A 28 5.75 13.79 -33.80
C GLY A 28 5.52 14.30 -32.39
N ASN A 29 6.37 15.22 -31.95
CA ASN A 29 6.26 15.86 -30.63
C ASN A 29 5.36 17.09 -30.72
N SER A 30 4.06 16.85 -30.87
CA SER A 30 3.08 17.90 -31.04
C SER A 30 1.71 17.42 -30.57
N VAL A 31 0.87 18.35 -30.17
CA VAL A 31 -0.51 18.03 -29.77
C VAL A 31 -1.33 17.49 -30.96
N ASN A 32 -0.88 17.77 -32.18
CA ASN A 32 -1.53 17.28 -33.40
C ASN A 32 -1.56 15.77 -33.54
N ALA A 33 -0.76 15.07 -32.73
CA ALA A 33 -0.81 13.61 -32.67
C ALA A 33 -2.24 13.10 -32.51
N GLU A 34 -3.01 13.78 -31.66
CA GLU A 34 -4.38 13.40 -31.38
C GLU A 34 -5.20 13.16 -32.64
N THR A 35 -5.02 14.02 -33.64
CA THR A 35 -5.82 13.96 -34.88
C THR A 35 -5.11 13.24 -36.04
N SER A 36 -3.92 12.72 -35.79
CA SER A 36 -3.08 12.15 -36.85
C SER A 36 -3.64 10.88 -37.49
N TRP A 37 -4.54 10.18 -36.82
CA TRP A 37 -5.16 8.98 -37.38
C TRP A 37 -6.61 9.22 -37.85
N GLY A 38 -6.93 10.49 -38.12
CA GLY A 38 -8.20 10.85 -38.78
C GLY A 38 -9.37 11.19 -37.88
N ASN A 39 -9.16 11.17 -36.57
CA ASN A 39 -10.21 11.53 -35.62
C ASN A 39 -10.16 13.03 -35.32
N PRO A 40 -11.33 13.61 -34.98
CA PRO A 40 -11.38 15.02 -34.64
C PRO A 40 -10.86 15.25 -33.23
N LYS A 41 -10.37 16.46 -32.95
CA LYS A 41 -9.90 16.80 -31.62
C LYS A 41 -11.02 16.56 -30.63
N THR A 42 -10.72 15.87 -29.53
CA THR A 42 -11.71 15.52 -28.52
C THR A 42 -12.28 16.78 -27.86
N THR A 43 -13.57 16.72 -27.54
CA THR A 43 -14.28 17.84 -26.93
C THR A 43 -15.08 17.34 -25.74
N GLN A 44 -15.49 18.28 -24.88
CA GLN A 44 -16.34 17.95 -23.74
C GLN A 44 -17.61 17.27 -24.22
N GLU A 45 -18.18 17.80 -25.29
CA GLU A 45 -19.41 17.27 -25.87
C GLU A 45 -19.29 15.77 -26.20
N ILE A 46 -18.18 15.38 -26.82
CA ILE A 46 -17.95 13.99 -27.19
C ILE A 46 -18.00 13.08 -25.96
N VAL A 47 -17.32 13.49 -24.89
CA VAL A 47 -17.31 12.71 -23.65
C VAL A 47 -18.70 12.67 -23.01
N ASP A 48 -19.41 13.80 -23.05
CA ASP A 48 -20.78 13.88 -22.53
C ASP A 48 -21.67 12.84 -23.21
N THR A 49 -21.62 12.81 -24.54
CA THR A 49 -22.40 11.87 -25.35
C THR A 49 -22.17 10.43 -24.94
N VAL A 50 -20.91 10.07 -24.71
CA VAL A 50 -20.54 8.74 -24.27
C VAL A 50 -21.16 8.45 -22.90
N ASN A 51 -20.99 9.39 -21.98
CA ASN A 51 -21.54 9.27 -20.63
C ASN A 51 -23.06 9.17 -20.61
N ASP A 52 -23.73 10.07 -21.32
CA ASP A 52 -25.20 10.12 -21.36
C ASP A 52 -25.83 8.82 -21.84
N ARG A 53 -25.15 8.13 -22.76
CA ARG A 53 -25.67 6.90 -23.36
C ARG A 53 -25.67 5.74 -22.37
N GLY A 54 -24.82 5.82 -21.35
CA GLY A 54 -24.72 4.77 -20.33
C GLY A 54 -23.30 4.28 -20.05
N PHE A 55 -22.34 4.69 -20.88
CA PHE A 55 -20.93 4.39 -20.65
C PHE A 55 -20.39 5.37 -19.60
N ASN A 56 -20.58 5.05 -18.32
CA ASN A 56 -20.14 5.95 -17.25
C ASN A 56 -18.66 5.80 -16.87
N ALA A 57 -17.95 4.88 -17.54
CA ALA A 57 -16.52 4.71 -17.39
C ALA A 57 -15.85 4.88 -18.75
N ILE A 58 -14.69 5.53 -18.76
CA ILE A 58 -13.97 5.80 -20.00
C ILE A 58 -12.48 5.49 -19.84
N ARG A 59 -11.94 4.79 -20.83
CA ARG A 59 -10.51 4.50 -20.89
C ARG A 59 -9.86 5.45 -21.87
N ILE A 60 -8.79 6.10 -21.43
CA ILE A 60 -8.10 7.11 -22.24
C ILE A 60 -6.72 6.55 -22.59
N PRO A 61 -6.60 5.87 -23.74
CA PRO A 61 -5.30 5.36 -24.14
C PRO A 61 -4.41 6.49 -24.64
N VAL A 62 -3.15 6.50 -24.20
CA VAL A 62 -2.22 7.56 -24.57
C VAL A 62 -0.84 6.97 -24.90
N THR A 63 -0.29 7.39 -26.03
CA THR A 63 1.06 7.01 -26.42
C THR A 63 1.95 8.22 -26.20
N PHE A 64 2.92 8.07 -25.31
CA PHE A 64 3.77 9.18 -24.89
C PHE A 64 5.10 9.23 -25.64
N ALA A 65 5.57 8.07 -26.10
CA ALA A 65 6.89 7.93 -26.75
C ALA A 65 7.41 9.19 -27.41
N ASN A 66 6.69 9.66 -28.43
CA ASN A 66 7.15 10.78 -29.27
C ASN A 66 7.10 12.14 -28.59
N HIS A 67 6.54 12.19 -27.38
CA HIS A 67 6.44 13.42 -26.61
C HIS A 67 7.40 13.42 -25.42
N LEU A 68 8.29 12.43 -25.37
CA LEU A 68 9.24 12.30 -24.27
C LEU A 68 10.57 12.95 -24.63
N GLY A 69 11.22 13.53 -23.62
CA GLY A 69 12.59 14.01 -23.76
C GLY A 69 13.53 12.82 -23.76
N PRO A 70 14.85 13.08 -23.79
CA PRO A 70 15.83 12.00 -23.78
C PRO A 70 15.93 11.33 -22.42
N ALA A 71 16.52 10.12 -22.40
CA ALA A 71 16.80 9.42 -21.15
C ALA A 71 17.84 10.20 -20.35
N PRO A 72 17.83 10.05 -19.01
CA PRO A 72 16.97 9.22 -18.16
C PRO A 72 15.69 9.92 -17.66
N GLU A 73 15.55 11.22 -17.91
CA GLU A 73 14.41 11.97 -17.39
C GLU A 73 13.12 11.60 -18.12
N TYR A 74 13.23 11.45 -19.45
CA TYR A 74 12.06 11.19 -20.30
C TYR A 74 10.96 12.23 -20.03
N THR A 75 11.35 13.49 -19.94
CA THR A 75 10.42 14.55 -19.58
C THR A 75 9.29 14.64 -20.61
N ILE A 76 8.05 14.59 -20.13
CA ILE A 76 6.90 14.68 -21.00
C ILE A 76 6.73 16.13 -21.43
N SER A 77 6.70 16.36 -22.73
CA SER A 77 6.52 17.70 -23.27
C SER A 77 5.32 18.36 -22.60
N ALA A 78 5.53 19.57 -22.07
CA ALA A 78 4.51 20.29 -21.30
C ALA A 78 3.17 20.38 -22.02
N ASP A 79 3.22 20.71 -23.31
CA ASP A 79 2.00 20.83 -24.13
C ASP A 79 1.17 19.54 -24.15
N TRP A 80 1.85 18.41 -24.28
CA TRP A 80 1.18 17.11 -24.36
C TRP A 80 0.52 16.75 -23.03
N LEU A 81 1.28 16.86 -21.95
CA LEU A 81 0.75 16.59 -20.60
C LEU A 81 -0.49 17.44 -20.33
N ALA A 82 -0.41 18.73 -20.68
CA ALA A 82 -1.55 19.64 -20.53
C ALA A 82 -2.78 19.14 -21.29
N ARG A 83 -2.56 18.64 -22.50
CA ARG A 83 -3.66 18.17 -23.34
C ARG A 83 -4.26 16.90 -22.75
N VAL A 84 -3.41 15.99 -22.29
CA VAL A 84 -3.86 14.76 -21.66
C VAL A 84 -4.71 15.10 -20.44
N LYS A 85 -4.31 16.13 -19.71
CA LYS A 85 -5.07 16.60 -18.55
C LYS A 85 -6.44 17.15 -18.96
N GLU A 86 -6.49 17.94 -20.04
CA GLU A 86 -7.75 18.45 -20.58
C GLU A 86 -8.75 17.33 -20.87
N VAL A 87 -8.28 16.28 -21.52
CA VAL A 87 -9.14 15.19 -21.94
C VAL A 87 -9.60 14.37 -20.73
N VAL A 88 -8.69 14.14 -19.79
CA VAL A 88 -9.07 13.51 -18.51
C VAL A 88 -10.11 14.39 -17.79
N ASP A 89 -9.86 15.70 -17.77
CA ASP A 89 -10.74 16.65 -17.10
C ASP A 89 -12.16 16.64 -17.67
N TYR A 90 -12.33 16.31 -18.94
CA TYR A 90 -13.66 16.18 -19.53
C TYR A 90 -14.46 15.11 -18.79
N ALA A 91 -13.84 13.97 -18.55
CA ALA A 91 -14.49 12.86 -17.85
C ALA A 91 -14.75 13.19 -16.39
N VAL A 92 -13.80 13.89 -15.77
CA VAL A 92 -13.90 14.28 -14.36
C VAL A 92 -15.05 15.25 -14.14
N ASN A 93 -15.22 16.19 -15.07
CA ASN A 93 -16.35 17.11 -15.05
C ASN A 93 -17.71 16.40 -15.08
N ASP A 94 -17.74 15.18 -15.60
CA ASP A 94 -18.96 14.38 -15.65
C ASP A 94 -18.99 13.29 -14.58
N GLY A 95 -18.10 13.37 -13.60
CA GLY A 95 -18.03 12.39 -12.53
C GLY A 95 -17.93 10.95 -13.02
N MSE A 96 -17.18 10.75 -14.10
CA MSE A 96 -17.01 9.43 -14.70
C MSE A 96 -15.88 8.69 -14.05
O MSE A 96 -15.00 9.30 -13.43
CB MSE A 96 -16.69 9.55 -16.18
CG MSE A 96 -17.87 10.10 -16.96
SE MSE A 96 -17.33 10.37 -18.83
CE MSE A 96 -17.62 8.51 -19.41
N TYR A 97 -15.90 7.37 -14.19
CA TYR A 97 -14.77 6.54 -13.83
C TYR A 97 -13.80 6.55 -15.02
N ILE A 98 -12.51 6.57 -14.73
CA ILE A 98 -11.51 6.81 -15.77
C ILE A 98 -10.32 5.86 -15.66
N ILE A 99 -9.86 5.35 -16.80
CA ILE A 99 -8.57 4.66 -16.88
C ILE A 99 -7.64 5.48 -17.76
N LEU A 100 -6.50 5.86 -17.20
CA LEU A 100 -5.41 6.45 -17.98
C LEU A 100 -4.35 5.38 -18.13
N ASP A 101 -3.86 5.19 -19.36
CA ASP A 101 -2.81 4.21 -19.61
C ASP A 101 -1.64 4.78 -20.39
N THR A 102 -0.62 3.96 -20.59
CA THR A 102 0.38 4.18 -21.64
C THR A 102 0.04 3.16 -22.71
N HIS A 103 0.10 3.55 -23.97
CA HIS A 103 -0.47 2.71 -25.03
C HIS A 103 0.57 2.12 -25.99
N HIS A 104 0.79 2.73 -27.15
CA HIS A 104 1.66 2.14 -28.18
C HIS A 104 3.14 2.44 -27.92
N GLU A 105 3.54 2.39 -26.65
CA GLU A 105 4.96 2.50 -26.28
C GLU A 105 5.70 1.28 -26.85
N THR A 106 4.95 0.21 -27.08
CA THR A 106 5.45 -1.01 -27.72
C THR A 106 5.99 -0.83 -29.13
N ASN A 107 5.56 0.24 -29.81
CA ASN A 107 6.15 0.61 -31.11
C ASN A 107 7.53 1.23 -30.98
N TYR A 108 7.89 1.68 -29.79
CA TYR A 108 9.09 2.46 -29.57
C TYR A 108 10.06 1.81 -28.58
N TRP A 109 9.91 2.13 -27.30
CA TRP A 109 10.88 1.73 -26.28
C TRP A 109 10.47 0.45 -25.54
N LEU A 110 9.17 0.17 -25.48
CA LEU A 110 8.66 -0.95 -24.70
C LEU A 110 8.72 -2.27 -25.49
N LYS A 111 9.93 -2.75 -25.72
CA LYS A 111 10.19 -4.04 -26.34
C LYS A 111 10.62 -5.01 -25.24
N THR A 112 9.80 -6.03 -24.96
CA THR A 112 10.04 -6.90 -23.81
C THR A 112 11.23 -7.86 -24.02
N ASP A 113 12.43 -7.29 -23.97
CA ASP A 113 13.67 -8.06 -24.02
C ASP A 113 14.17 -8.22 -22.59
N PRO A 114 14.18 -9.45 -22.05
CA PRO A 114 14.62 -9.68 -20.67
C PRO A 114 16.03 -9.17 -20.36
N ASN A 115 16.91 -9.16 -21.37
CA ASN A 115 18.26 -8.62 -21.22
C ASN A 115 18.30 -7.12 -21.00
N ASN A 116 17.19 -6.44 -21.28
CA ASN A 116 17.10 -4.99 -21.15
C ASN A 116 16.16 -4.56 -20.01
N GLU A 117 16.01 -5.43 -19.02
CA GLU A 117 15.08 -5.21 -17.90
C GLU A 117 15.21 -3.85 -17.22
N ALA A 118 16.44 -3.42 -16.97
CA ALA A 118 16.68 -2.17 -16.24
C ALA A 118 16.14 -0.96 -16.99
N ALA A 119 16.55 -0.79 -18.23
CA ALA A 119 16.13 0.34 -19.07
C ALA A 119 14.61 0.39 -19.28
N LEU A 120 13.98 -0.79 -19.33
CA LEU A 120 12.53 -0.88 -19.45
C LEU A 120 11.84 -0.45 -18.15
N CYS A 121 12.24 -1.06 -17.04
CA CYS A 121 11.70 -0.70 -15.72
C CYS A 121 11.84 0.79 -15.41
N GLU A 122 12.98 1.37 -15.76
CA GLU A 122 13.30 2.75 -15.41
C GLU A 122 12.54 3.77 -16.24
N GLU A 123 12.37 3.50 -17.53
CA GLU A 123 11.59 4.40 -18.39
C GLU A 123 10.11 4.39 -17.98
N LEU A 124 9.59 3.18 -17.76
CA LEU A 124 8.20 3.03 -17.33
C LEU A 124 7.96 3.85 -16.05
N ALA A 125 8.84 3.68 -15.08
CA ALA A 125 8.75 4.39 -13.80
C ALA A 125 8.92 5.90 -13.94
N ALA A 126 9.81 6.32 -14.83
CA ALA A 126 10.09 7.75 -15.02
C ALA A 126 8.89 8.45 -15.62
N ILE A 127 8.18 7.77 -16.52
CA ILE A 127 6.98 8.29 -17.15
C ILE A 127 5.85 8.36 -16.13
N TRP A 128 5.64 7.27 -15.40
CA TRP A 128 4.55 7.19 -14.44
C TRP A 128 4.75 8.08 -13.23
N LYS A 129 6.00 8.37 -12.88
CA LYS A 129 6.32 9.35 -11.85
C LYS A 129 5.75 10.72 -12.22
N GLN A 130 5.95 11.13 -13.48
CA GLN A 130 5.46 12.42 -13.96
C GLN A 130 3.94 12.46 -14.09
N LEU A 131 3.35 11.38 -14.58
CA LEU A 131 1.90 11.27 -14.67
C LEU A 131 1.27 11.32 -13.28
N ALA A 132 1.76 10.46 -12.37
CA ALA A 132 1.25 10.42 -11.00
C ALA A 132 1.31 11.80 -10.34
N GLU A 133 2.43 12.50 -10.50
CA GLU A 133 2.57 13.87 -9.99
C GLU A 133 1.47 14.79 -10.54
N ALA A 134 1.25 14.72 -11.85
CA ALA A 134 0.30 15.59 -12.52
C ALA A 134 -1.14 15.38 -12.06
N PHE A 135 -1.48 14.13 -11.73
CA PHE A 135 -2.84 13.77 -11.30
C PHE A 135 -2.87 13.38 -9.83
N LYS A 136 -2.02 14.00 -9.02
CA LYS A 136 -1.91 13.65 -7.60
C LYS A 136 -3.19 13.95 -6.82
N ASP A 137 -3.88 15.03 -7.19
CA ASP A 137 -5.07 15.49 -6.47
C ASP A 137 -6.38 14.88 -6.98
N TYR A 138 -6.32 14.04 -8.01
CA TYR A 138 -7.53 13.49 -8.63
C TYR A 138 -8.09 12.35 -7.78
N ASP A 139 -9.42 12.29 -7.70
CA ASP A 139 -10.08 11.36 -6.77
C ASP A 139 -10.02 9.90 -7.21
N GLU A 140 -10.65 9.02 -6.43
CA GLU A 140 -10.51 7.56 -6.60
C GLU A 140 -11.17 7.00 -7.87
N LYS A 141 -11.97 7.83 -8.56
CA LYS A 141 -12.60 7.40 -9.81
C LYS A 141 -11.62 7.40 -10.99
N LEU A 142 -10.47 8.06 -10.82
CA LEU A 142 -9.39 7.99 -11.79
C LEU A 142 -8.48 6.82 -11.45
N MSE A 143 -8.26 5.94 -12.42
CA MSE A 143 -7.42 4.77 -12.23
C MSE A 143 -6.30 4.82 -13.24
O MSE A 143 -6.45 5.41 -14.31
CB MSE A 143 -8.25 3.50 -12.42
CG MSE A 143 -9.55 3.57 -11.63
SE MSE A 143 -10.51 1.86 -11.70
CE MSE A 143 -11.88 2.38 -13.01
N PHE A 144 -5.17 4.21 -12.90
CA PHE A 144 -4.03 4.11 -13.80
C PHE A 144 -3.87 2.69 -14.29
N GLU A 145 -3.57 2.55 -15.59
CA GLU A 145 -3.21 1.26 -16.19
C GLU A 145 -1.81 1.39 -16.74
N GLY A 146 -0.86 0.67 -16.16
CA GLY A 146 0.56 0.87 -16.42
C GLY A 146 0.98 0.75 -17.88
N MSE A 147 0.54 -0.33 -18.52
CA MSE A 147 1.00 -0.65 -19.87
C MSE A 147 -0.12 -1.18 -20.72
O MSE A 147 -1.08 -1.74 -20.19
CB MSE A 147 2.05 -1.75 -19.78
CG MSE A 147 3.26 -1.33 -18.94
SE MSE A 147 4.56 -2.81 -18.94
CE MSE A 147 3.72 -3.96 -17.59
N ASN A 148 0.00 -1.00 -22.03
CA ASN A 148 -0.92 -1.62 -22.97
C ASN A 148 -0.27 -2.69 -23.83
N GLU A 149 -0.82 -3.91 -23.72
CA GLU A 149 -0.33 -5.09 -24.42
C GLU A 149 1.19 -5.14 -24.54
N PRO A 150 1.89 -5.12 -23.39
CA PRO A 150 3.36 -5.13 -23.40
C PRO A 150 3.90 -6.44 -23.99
N ARG A 151 4.73 -6.31 -25.02
CA ARG A 151 5.20 -7.48 -25.76
C ARG A 151 6.39 -7.11 -26.64
N MSE A 152 6.96 -8.12 -27.29
CA MSE A 152 7.94 -7.89 -28.35
C MSE A 152 7.22 -8.03 -29.66
O MSE A 152 6.73 -9.11 -29.99
CB MSE A 152 9.07 -8.90 -28.30
CG MSE A 152 10.10 -8.59 -29.38
SE MSE A 152 11.82 -8.25 -28.52
CE MSE A 152 12.11 -10.08 -27.82
N ALA A 153 7.16 -6.94 -30.41
CA ALA A 153 6.52 -6.94 -31.72
C ALA A 153 7.33 -7.79 -32.70
N GLY A 154 6.64 -8.70 -33.39
CA GLY A 154 7.27 -9.54 -34.41
C GLY A 154 7.78 -10.88 -33.90
N SER A 155 7.80 -11.07 -32.58
CA SER A 155 8.19 -12.36 -32.01
C SER A 155 7.11 -13.41 -32.26
N ALA A 156 7.51 -14.67 -32.23
CA ALA A 156 6.61 -15.78 -32.54
C ALA A 156 5.39 -15.82 -31.61
N LYS A 157 5.63 -15.67 -30.31
CA LYS A 157 4.56 -15.74 -29.31
C LYS A 157 4.05 -14.35 -28.87
N GLU A 158 4.17 -13.37 -29.76
CA GLU A 158 3.70 -12.00 -29.49
C GLU A 158 2.26 -11.99 -28.98
N TRP A 159 1.39 -12.73 -29.65
CA TRP A 159 -0.04 -12.75 -29.33
C TRP A 159 -0.49 -14.03 -28.61
N SER A 160 0.45 -14.79 -28.06
CA SER A 160 0.12 -16.00 -27.31
C SER A 160 0.83 -16.01 -25.95
N GLY A 161 0.97 -14.83 -25.35
CA GLY A 161 1.50 -14.70 -23.99
C GLY A 161 3.02 -14.70 -23.86
N GLY A 162 3.74 -14.60 -24.98
CA GLY A 162 5.20 -14.52 -24.95
C GLY A 162 5.90 -15.74 -24.39
N THR A 163 7.14 -15.57 -23.96
CA THR A 163 7.93 -16.66 -23.36
C THR A 163 7.95 -16.54 -21.85
N PRO A 164 8.28 -17.63 -21.13
CA PRO A 164 8.36 -17.60 -19.67
C PRO A 164 9.34 -16.55 -19.11
N ALA A 165 10.42 -16.29 -19.84
CA ALA A 165 11.37 -15.25 -19.47
C ALA A 165 10.73 -13.87 -19.57
N GLU A 166 9.99 -13.64 -20.65
CA GLU A 166 9.27 -12.38 -20.86
C GLU A 166 8.20 -12.15 -19.79
N ARG A 167 7.53 -13.22 -19.36
CA ARG A 167 6.48 -13.11 -18.35
C ARG A 167 7.01 -12.73 -16.97
N LYS A 168 8.26 -13.09 -16.68
CA LYS A 168 8.94 -12.61 -15.48
C LYS A 168 9.21 -11.11 -15.61
N LEU A 169 9.65 -10.69 -16.80
CA LEU A 169 9.91 -9.27 -17.07
C LEU A 169 8.66 -8.42 -16.88
N ILE A 170 7.51 -8.94 -17.31
CA ILE A 170 6.24 -8.23 -17.15
C ILE A 170 5.90 -8.04 -15.68
N ASN A 171 6.22 -9.05 -14.86
CA ASN A 171 6.01 -8.96 -13.41
C ASN A 171 6.89 -7.89 -12.78
N ALA A 172 8.14 -7.82 -13.22
CA ALA A 172 9.06 -6.76 -12.76
C ALA A 172 8.53 -5.38 -13.17
N MSE A 173 8.07 -5.27 -14.41
CA MSE A 173 7.57 -3.99 -14.92
C MSE A 173 6.29 -3.56 -14.24
O MSE A 173 6.04 -2.37 -14.09
CB MSE A 173 7.38 -4.07 -16.45
CG MSE A 173 8.74 -3.99 -17.15
SE MSE A 173 8.50 -4.02 -19.11
CE MSE A 173 8.44 -2.06 -19.39
N ASN A 174 5.47 -4.53 -13.82
CA ASN A 174 4.28 -4.23 -13.03
C ASN A 174 4.64 -3.64 -11.66
N LYS A 175 5.61 -4.25 -10.99
CA LYS A 175 6.10 -3.74 -9.70
C LYS A 175 6.69 -2.34 -9.83
N ALA A 176 7.43 -2.11 -10.91
CA ALA A 176 8.05 -0.80 -11.15
C ALA A 176 6.98 0.30 -11.29
N PHE A 177 5.94 -0.01 -12.06
CA PHE A 177 4.81 0.87 -12.26
C PHE A 177 4.15 1.22 -10.93
N ILE A 178 3.77 0.18 -10.18
CA ILE A 178 3.13 0.36 -8.89
C ILE A 178 4.03 1.16 -7.96
N ASP A 179 5.27 0.70 -7.84
CA ASP A 179 6.25 1.31 -6.96
C ASP A 179 6.43 2.81 -7.24
N ALA A 180 6.51 3.16 -8.52
CA ALA A 180 6.74 4.54 -8.93
C ALA A 180 5.59 5.46 -8.56
N VAL A 181 4.36 4.97 -8.76
CA VAL A 181 3.16 5.75 -8.49
C VAL A 181 2.96 5.96 -6.99
N ARG A 182 3.08 4.88 -6.22
CA ARG A 182 2.89 4.96 -4.77
C ARG A 182 3.88 5.94 -4.14
N ALA A 183 5.09 6.02 -4.69
CA ALA A 183 6.13 6.91 -4.17
C ALA A 183 5.82 8.40 -4.36
N THR A 184 4.87 8.76 -5.22
CA THR A 184 4.48 10.17 -5.38
C THR A 184 3.54 10.64 -4.26
N GLY A 185 2.93 9.70 -3.55
CA GLY A 185 2.04 10.03 -2.44
C GLY A 185 0.73 10.66 -2.88
N GLY A 186 0.14 11.47 -2.00
CA GLY A 186 -1.16 12.07 -2.24
C GLY A 186 -2.25 11.01 -2.39
N ASN A 187 -3.19 11.25 -3.29
CA ASN A 187 -4.24 10.27 -3.57
C ASN A 187 -3.72 9.01 -4.26
N ASN A 188 -2.51 9.10 -4.82
CA ASN A 188 -1.86 7.95 -5.46
C ASN A 188 -1.46 6.84 -4.50
N ALA A 189 -1.54 7.09 -3.19
CA ALA A 189 -1.19 6.08 -2.20
C ALA A 189 -2.13 4.88 -2.25
N ASP A 190 -3.40 5.12 -2.49
CA ASP A 190 -4.39 4.04 -2.56
C ASP A 190 -5.21 4.02 -3.86
N ARG A 191 -4.81 4.82 -4.86
CA ARG A 191 -5.44 4.82 -6.17
C ARG A 191 -5.41 3.42 -6.78
N VAL A 192 -6.48 3.03 -7.47
CA VAL A 192 -6.53 1.74 -8.15
C VAL A 192 -5.54 1.74 -9.31
N LEU A 193 -4.58 0.83 -9.24
CA LEU A 193 -3.57 0.68 -10.28
C LEU A 193 -3.80 -0.64 -10.99
N ILE A 194 -3.94 -0.57 -12.32
CA ILE A 194 -4.29 -1.73 -13.09
C ILE A 194 -3.04 -2.31 -13.77
N ILE A 195 -2.65 -3.51 -13.34
CA ILE A 195 -1.54 -4.22 -13.96
C ILE A 195 -2.07 -5.11 -15.09
N CYS A 196 -1.16 -5.75 -15.82
CA CYS A 196 -1.57 -6.58 -16.95
C CYS A 196 -0.64 -7.76 -17.17
N THR A 197 -1.11 -8.70 -17.99
CA THR A 197 -0.31 -9.82 -18.44
C THR A 197 0.45 -9.43 -19.70
N TYR A 198 1.35 -10.31 -20.14
CA TYR A 198 2.03 -10.15 -21.41
C TYR A 198 0.99 -10.04 -22.53
N GLY A 199 1.02 -8.94 -23.27
CA GLY A 199 0.08 -8.70 -24.35
C GLY A 199 -1.39 -8.68 -23.97
N HIS A 200 -1.67 -8.46 -22.68
CA HIS A 200 -3.02 -8.59 -22.13
C HIS A 200 -3.66 -9.95 -22.49
N ASN A 201 -2.81 -10.97 -22.63
CA ASN A 201 -3.26 -12.31 -23.01
C ASN A 201 -3.81 -13.04 -21.79
N SER A 202 -4.85 -13.84 -22.00
CA SER A 202 -5.55 -14.52 -20.92
C SER A 202 -5.53 -16.04 -21.03
N ASP A 203 -4.47 -16.58 -21.62
CA ASP A 203 -4.32 -18.03 -21.74
C ASP A 203 -3.80 -18.58 -20.42
N GLU A 204 -4.08 -19.85 -20.14
CA GLU A 204 -3.74 -20.46 -18.85
C GLU A 204 -2.25 -20.33 -18.48
N PRO A 205 -1.33 -20.60 -19.44
CA PRO A 205 0.08 -20.42 -19.12
C PRO A 205 0.46 -18.97 -18.81
N THR A 206 -0.27 -18.02 -19.41
CA THR A 206 -0.04 -16.60 -19.17
C THR A 206 -0.46 -16.20 -17.77
N LEU A 207 -1.64 -16.67 -17.35
CA LEU A 207 -2.19 -16.36 -16.03
C LEU A 207 -1.44 -17.07 -14.92
N LYS A 208 -1.04 -18.33 -15.17
CA LYS A 208 -0.31 -19.11 -14.18
C LYS A 208 0.97 -18.43 -13.73
N ASP A 209 1.68 -17.81 -14.67
CA ASP A 209 2.96 -17.14 -14.37
C ASP A 209 2.81 -15.71 -13.84
N LEU A 210 1.58 -15.19 -13.81
CA LEU A 210 1.35 -13.82 -13.34
C LEU A 210 1.54 -13.70 -11.83
N GLU A 211 2.48 -12.85 -11.44
CA GLU A 211 2.76 -12.56 -10.04
C GLU A 211 1.79 -11.49 -9.56
N ILE A 212 1.14 -11.75 -8.43
CA ILE A 212 0.17 -10.83 -7.85
C ILE A 212 0.84 -9.97 -6.78
N PRO A 213 0.80 -8.63 -6.94
CA PRO A 213 1.35 -7.77 -5.88
C PRO A 213 0.54 -7.83 -4.60
N SER A 214 1.21 -7.62 -3.47
CA SER A 214 0.55 -7.60 -2.16
C SER A 214 -0.28 -6.34 -1.97
N ASP A 215 0.04 -5.29 -2.73
CA ASP A 215 -0.72 -4.03 -2.71
C ASP A 215 -2.22 -4.29 -2.90
N PRO A 216 -3.04 -3.90 -1.90
CA PRO A 216 -4.46 -4.23 -1.93
C PRO A 216 -5.29 -3.39 -2.91
N ASN A 217 -4.72 -2.32 -3.46
CA ASN A 217 -5.44 -1.42 -4.36
C ASN A 217 -4.98 -1.58 -5.81
N ILE A 218 -5.10 -2.80 -6.31
CA ILE A 218 -4.72 -3.11 -7.69
C ILE A 218 -5.75 -4.00 -8.38
N ALA A 219 -5.69 -4.05 -9.71
CA ALA A 219 -6.57 -4.92 -10.50
C ALA A 219 -5.81 -5.47 -11.69
N VAL A 220 -6.29 -6.59 -12.23
CA VAL A 220 -5.64 -7.23 -13.37
C VAL A 220 -6.43 -6.93 -14.66
N ALA A 221 -5.77 -6.29 -15.61
CA ALA A 221 -6.39 -5.99 -16.90
C ALA A 221 -6.11 -7.10 -17.92
N LEU A 222 -7.14 -7.49 -18.64
CA LEU A 222 -7.00 -8.42 -19.75
C LEU A 222 -7.74 -7.87 -20.95
N HIS A 223 -7.38 -8.34 -22.13
CA HIS A 223 -8.10 -8.03 -23.36
C HIS A 223 -8.66 -9.33 -23.91
N THR A 224 -9.98 -9.34 -24.10
CA THR A 224 -10.66 -10.55 -24.54
C THR A 224 -11.67 -10.22 -25.62
N TYR A 225 -11.17 -10.09 -26.85
CA TYR A 225 -12.00 -10.00 -28.02
C TYR A 225 -12.34 -11.43 -28.42
N THR A 226 -13.08 -12.12 -27.56
CA THR A 226 -13.32 -13.56 -27.68
C THR A 226 -14.71 -13.81 -28.26
N PRO A 227 -14.82 -14.69 -29.27
CA PRO A 227 -13.73 -15.39 -29.97
C PRO A 227 -13.08 -14.51 -31.02
N TYR A 228 -11.78 -14.70 -31.24
CA TYR A 228 -11.02 -13.86 -32.17
C TYR A 228 -11.62 -13.86 -33.57
N PHE A 229 -12.03 -15.04 -34.04
CA PHE A 229 -12.52 -15.19 -35.42
C PHE A 229 -13.92 -14.61 -35.65
N PHE A 230 -14.65 -14.32 -34.56
CA PHE A 230 -15.89 -13.55 -34.69
C PHE A 230 -15.61 -12.05 -34.66
N THR A 231 -14.73 -11.63 -33.75
CA THR A 231 -14.51 -10.22 -33.46
C THR A 231 -13.62 -9.51 -34.49
N TYR A 232 -12.65 -10.24 -35.05
CA TYR A 232 -11.72 -9.67 -36.04
C TYR A 232 -11.95 -10.22 -37.44
N VAL A 233 -11.43 -9.51 -38.44
CA VAL A 233 -11.44 -9.95 -39.83
C VAL A 233 -10.12 -10.61 -40.19
N ALA A 234 -10.17 -11.88 -40.60
CA ALA A 234 -8.99 -12.66 -40.95
C ALA A 234 -9.40 -13.91 -41.74
N ASP A 235 -8.42 -14.67 -42.22
CA ASP A 235 -8.69 -15.97 -42.84
C ASP A 235 -9.24 -16.93 -41.79
N GLY A 236 -10.49 -17.35 -41.98
CA GLY A 236 -11.17 -18.24 -41.03
C GLY A 236 -12.23 -17.54 -40.20
N SER A 237 -12.35 -16.23 -40.37
CA SER A 237 -13.28 -15.43 -39.56
C SER A 237 -14.72 -15.55 -40.05
N TYR A 238 -15.66 -15.21 -39.16
CA TYR A 238 -17.08 -15.33 -39.45
C TYR A 238 -17.88 -14.21 -38.79
N SER A 239 -19.09 -13.97 -39.31
CA SER A 239 -19.95 -12.89 -38.85
C SER A 239 -21.28 -13.37 -38.30
N VAL A 240 -21.44 -14.69 -38.18
CA VAL A 240 -22.66 -15.29 -37.65
C VAL A 240 -22.44 -15.68 -36.21
N TRP A 241 -23.37 -15.30 -35.33
CA TRP A 241 -23.37 -15.76 -33.96
C TRP A 241 -24.69 -16.43 -33.63
N ASN A 242 -24.65 -17.75 -33.48
CA ASN A 242 -25.82 -18.52 -33.05
C ASN A 242 -25.66 -19.11 -31.64
N GLY A 243 -24.47 -18.97 -31.06
CA GLY A 243 -24.19 -19.49 -29.72
C GLY A 243 -23.41 -20.80 -29.71
N SER A 244 -23.09 -21.33 -30.88
CA SER A 244 -22.33 -22.58 -30.97
C SER A 244 -20.88 -22.43 -30.50
N LYS A 245 -20.37 -21.20 -30.52
CA LYS A 245 -19.00 -20.91 -30.07
C LYS A 245 -18.93 -20.25 -28.69
N LYS A 246 -20.06 -20.15 -27.99
CA LYS A 246 -20.08 -19.58 -26.64
C LYS A 246 -19.10 -20.30 -25.72
N ASN A 247 -18.93 -21.61 -25.95
CA ASN A 247 -17.95 -22.41 -25.21
C ASN A 247 -16.52 -21.83 -25.20
N ASP A 248 -16.12 -21.12 -26.25
CA ASP A 248 -14.81 -20.46 -26.30
C ASP A 248 -14.71 -19.36 -25.24
N ILE A 249 -15.77 -18.57 -25.10
CA ILE A 249 -15.83 -17.50 -24.11
C ILE A 249 -15.81 -18.10 -22.69
N THR A 250 -16.68 -19.08 -22.47
CA THR A 250 -16.84 -19.71 -21.16
C THR A 250 -15.58 -20.43 -20.71
N TRP A 251 -14.98 -21.18 -21.62
CA TRP A 251 -13.75 -21.93 -21.35
C TRP A 251 -12.62 -20.99 -20.91
N GLN A 252 -12.48 -19.89 -21.64
CA GLN A 252 -11.50 -18.85 -21.30
C GLN A 252 -11.83 -18.18 -19.97
N TYR A 253 -13.11 -17.89 -19.76
CA TYR A 253 -13.58 -17.23 -18.54
C TYR A 253 -13.37 -18.10 -17.29
N ASN A 254 -13.51 -19.42 -17.45
CA ASN A 254 -13.27 -20.35 -16.35
C ASN A 254 -11.82 -20.31 -15.86
N ASN A 255 -10.88 -20.13 -16.80
CA ASN A 255 -9.47 -19.94 -16.45
C ASN A 255 -9.25 -18.64 -15.68
N ILE A 256 -9.98 -17.58 -16.06
CA ILE A 256 -9.89 -16.30 -15.37
C ILE A 256 -10.41 -16.43 -13.93
N LYS A 257 -11.53 -17.13 -13.78
CA LYS A 257 -12.05 -17.46 -12.44
C LYS A 257 -11.03 -18.31 -11.66
N LYS A 258 -10.47 -19.30 -12.32
CA LYS A 258 -9.54 -20.24 -11.69
C LYS A 258 -8.33 -19.51 -11.08
N TYR A 259 -7.78 -18.56 -11.82
CA TYR A 259 -6.52 -17.91 -11.43
C TYR A 259 -6.64 -16.53 -10.75
N LEU A 260 -7.77 -15.84 -10.94
CA LEU A 260 -7.93 -14.49 -10.41
C LEU A 260 -9.16 -14.29 -9.53
N ILE A 261 -10.35 -14.44 -10.11
CA ILE A 261 -11.59 -14.06 -9.41
C ILE A 261 -11.81 -14.89 -8.16
N ASP A 262 -11.71 -16.21 -8.27
CA ASP A 262 -11.90 -17.10 -7.12
C ASP A 262 -10.76 -17.03 -6.09
N LYS A 263 -9.73 -16.25 -6.39
CA LYS A 263 -8.70 -15.89 -5.40
C LYS A 263 -8.92 -14.48 -4.85
N GLY A 264 -10.05 -13.86 -5.21
CA GLY A 264 -10.39 -12.52 -4.74
C GLY A 264 -9.60 -11.40 -5.39
N ILE A 265 -9.06 -11.66 -6.58
CA ILE A 265 -8.30 -10.66 -7.33
C ILE A 265 -9.23 -9.91 -8.27
N PRO A 266 -9.28 -8.57 -8.16
CA PRO A 266 -10.12 -7.80 -9.08
C PRO A 266 -9.63 -7.89 -10.53
N VAL A 267 -10.57 -8.09 -11.45
CA VAL A 267 -10.25 -8.20 -12.88
C VAL A 267 -11.10 -7.23 -13.70
N VAL A 268 -10.45 -6.60 -14.67
CA VAL A 268 -11.12 -5.67 -15.58
C VAL A 268 -10.75 -6.00 -17.01
N ILE A 269 -11.74 -6.07 -17.89
CA ILE A 269 -11.48 -6.19 -19.32
C ILE A 269 -11.35 -4.78 -19.89
N THR A 270 -10.13 -4.30 -20.03
CA THR A 270 -9.90 -2.92 -20.46
C THR A 270 -10.13 -2.71 -21.96
N GLU A 271 -10.16 -3.81 -22.73
CA GLU A 271 -10.56 -3.75 -24.13
C GLU A 271 -11.31 -5.01 -24.57
N THR A 272 -12.39 -4.80 -25.32
CA THR A 272 -13.08 -5.88 -26.03
C THR A 272 -14.02 -5.24 -27.05
N GLY A 273 -14.72 -6.08 -27.81
CA GLY A 273 -15.64 -5.61 -28.84
C GLY A 273 -15.60 -6.49 -30.07
N ALA A 274 -16.50 -6.20 -31.02
CA ALA A 274 -16.58 -6.96 -32.26
C ALA A 274 -16.62 -5.99 -33.43
N GLN A 275 -15.79 -6.23 -34.43
CA GLN A 275 -15.80 -5.40 -35.64
C GLN A 275 -17.13 -5.56 -36.35
N PHE A 276 -17.64 -4.46 -36.90
CA PHE A 276 -18.93 -4.49 -37.59
C PHE A 276 -18.78 -5.16 -38.95
N LYS A 277 -19.47 -6.29 -39.13
CA LYS A 277 -19.43 -7.06 -40.37
C LYS A 277 -20.83 -7.16 -40.97
N GLU A 278 -21.55 -6.04 -40.96
CA GLU A 278 -22.94 -5.97 -41.43
C GLU A 278 -23.75 -7.11 -40.81
N ASN A 279 -23.65 -7.23 -39.49
CA ASN A 279 -24.23 -8.34 -38.74
C ASN A 279 -24.70 -7.87 -37.37
N THR A 280 -25.55 -6.84 -37.39
CA THR A 280 -26.06 -6.22 -36.17
C THR A 280 -26.71 -7.21 -35.22
N GLU A 281 -27.57 -8.08 -35.75
CA GLU A 281 -28.29 -9.05 -34.93
C GLU A 281 -27.36 -10.08 -34.30
N ASP A 282 -26.26 -10.39 -35.00
CA ASP A 282 -25.27 -11.35 -34.51
C ASP A 282 -24.43 -10.77 -33.38
N ILE A 283 -23.98 -9.53 -33.56
CA ILE A 283 -23.18 -8.85 -32.54
C ILE A 283 -23.99 -8.67 -31.26
N VAL A 284 -25.26 -8.31 -31.40
CA VAL A 284 -26.16 -8.20 -30.25
C VAL A 284 -26.23 -9.53 -29.48
N ARG A 285 -26.30 -10.65 -30.20
CA ARG A 285 -26.34 -11.98 -29.55
C ARG A 285 -25.00 -12.33 -28.90
N TRP A 286 -23.90 -11.90 -29.52
CA TRP A 286 -22.57 -12.12 -28.96
C TRP A 286 -22.39 -11.31 -27.66
N ILE A 287 -22.87 -10.08 -27.68
CA ILE A 287 -22.82 -9.21 -26.50
C ILE A 287 -23.55 -9.85 -25.32
N GLY A 288 -24.73 -10.40 -25.57
CA GLY A 288 -25.49 -11.12 -24.54
C GLY A 288 -24.72 -12.28 -23.93
N ASP A 289 -24.07 -13.07 -24.78
CA ASP A 289 -23.30 -14.22 -24.30
C ASP A 289 -21.99 -13.80 -23.66
N TYR A 290 -21.32 -12.81 -24.26
CA TYR A 290 -19.99 -12.38 -23.79
C TYR A 290 -20.06 -11.55 -22.51
N VAL A 291 -20.87 -10.50 -22.52
CA VAL A 291 -20.97 -9.59 -21.37
C VAL A 291 -21.72 -10.26 -20.22
N GLY A 292 -22.76 -11.02 -20.56
CA GLY A 292 -23.50 -11.81 -19.58
C GLY A 292 -22.62 -12.81 -18.84
N THR A 293 -21.56 -13.27 -19.49
CA THR A 293 -20.59 -14.16 -18.85
C THR A 293 -19.80 -13.38 -17.79
N LEU A 294 -19.40 -12.16 -18.13
CA LEU A 294 -18.66 -11.31 -17.20
C LEU A 294 -19.52 -10.89 -16.00
N ASP A 295 -20.81 -10.66 -16.25
CA ASP A 295 -21.74 -10.23 -15.21
C ASP A 295 -21.99 -11.28 -14.13
N GLN A 296 -21.75 -12.55 -14.43
CA GLN A 296 -21.86 -13.62 -13.43
C GLN A 296 -21.09 -13.32 -12.16
N ASP A 297 -19.95 -12.64 -12.29
CA ASP A 297 -19.12 -12.26 -11.14
C ASP A 297 -18.82 -10.76 -11.10
N GLY A 298 -19.72 -9.96 -11.68
CA GLY A 298 -19.60 -8.50 -11.66
C GLY A 298 -18.33 -7.92 -12.25
N VAL A 299 -17.76 -8.61 -13.24
CA VAL A 299 -16.57 -8.13 -13.93
C VAL A 299 -16.99 -7.11 -14.99
N LYS A 300 -16.30 -5.97 -15.01
CA LYS A 300 -16.63 -4.89 -15.93
C LYS A 300 -15.72 -4.92 -17.15
N CYS A 301 -16.19 -4.31 -18.22
CA CYS A 301 -15.43 -4.25 -19.47
C CYS A 301 -15.52 -2.88 -20.10
N PHE A 302 -14.52 -2.58 -20.91
CA PHE A 302 -14.43 -1.33 -21.64
C PHE A 302 -14.40 -1.64 -23.14
N ILE A 303 -15.32 -1.09 -23.89
CA ILE A 303 -15.45 -1.40 -25.31
C ILE A 303 -14.47 -0.57 -26.12
N TRP A 304 -13.76 -1.21 -27.04
CA TRP A 304 -12.84 -0.50 -27.93
C TRP A 304 -13.64 0.23 -29.00
N ASP A 305 -13.35 1.51 -29.18
CA ASP A 305 -14.06 2.36 -30.14
C ASP A 305 -13.09 3.34 -30.81
N ASN A 306 -12.79 3.07 -32.07
CA ASN A 306 -11.80 3.84 -32.84
C ASN A 306 -12.41 4.81 -33.85
N ASN A 307 -13.74 4.92 -33.83
CA ASN A 307 -14.48 5.81 -34.75
C ASN A 307 -14.39 5.39 -36.21
N ILE A 308 -14.27 4.09 -36.45
CA ILE A 308 -14.25 3.55 -37.81
C ILE A 308 -15.45 2.62 -37.98
N TYR A 309 -16.31 2.96 -38.94
CA TYR A 309 -17.54 2.21 -39.19
C TYR A 309 -17.82 2.08 -40.69
N HIS A 310 -17.89 3.21 -41.38
CA HIS A 310 -18.14 3.23 -42.83
C HIS A 310 -16.86 3.00 -43.64
N GLY A 311 -15.78 3.71 -43.28
CA GLY A 311 -14.55 3.68 -44.06
C GLY A 311 -13.74 2.40 -43.91
N ASN A 312 -12.50 2.43 -44.40
CA ASN A 312 -11.59 1.30 -44.31
C ASN A 312 -10.89 1.24 -42.95
N GLY A 313 -10.59 0.02 -42.51
CA GLY A 313 -9.93 -0.21 -41.23
C GLY A 313 -10.72 -1.20 -40.39
N GLU A 314 -10.26 -1.42 -39.16
CA GLU A 314 -10.98 -2.26 -38.21
C GLU A 314 -12.22 -1.50 -37.77
N LYS A 315 -13.40 -2.06 -38.03
CA LYS A 315 -14.66 -1.33 -37.83
C LYS A 315 -15.20 -1.49 -36.40
N PHE A 316 -14.46 -0.95 -35.44
CA PHE A 316 -14.85 -0.98 -34.02
C PHE A 316 -15.67 0.25 -33.62
N GLY A 317 -15.86 1.18 -34.55
CA GLY A 317 -16.57 2.42 -34.28
C GLY A 317 -17.99 2.21 -33.77
N LEU A 318 -18.37 3.02 -32.79
CA LEU A 318 -19.74 3.04 -32.28
C LEU A 318 -20.29 4.46 -32.26
N LEU A 319 -19.50 5.40 -31.74
CA LEU A 319 -19.88 6.81 -31.72
C LEU A 319 -19.30 7.57 -32.90
N ASN A 320 -20.18 8.14 -33.73
CA ASN A 320 -19.75 9.08 -34.78
C ASN A 320 -19.42 10.40 -34.10
N ARG A 321 -18.14 10.67 -33.90
CA ARG A 321 -17.73 11.80 -33.08
C ARG A 321 -18.04 13.17 -33.69
N SER A 322 -18.07 13.25 -35.01
CA SER A 322 -18.34 14.51 -35.69
C SER A 322 -19.81 14.90 -35.63
N LEU A 323 -20.70 13.91 -35.59
CA LEU A 323 -22.15 14.16 -35.56
C LEU A 323 -22.77 14.03 -34.17
N LEU A 324 -22.01 13.49 -33.22
CA LEU A 324 -22.51 13.17 -31.87
C LEU A 324 -23.72 12.24 -31.93
N LYS A 325 -23.72 11.34 -32.91
CA LYS A 325 -24.74 10.31 -33.04
C LYS A 325 -24.04 8.96 -33.15
N TRP A 326 -24.73 7.90 -32.73
CA TRP A 326 -24.15 6.57 -32.73
C TRP A 326 -24.32 5.91 -34.09
N TYR A 327 -23.27 5.22 -34.54
CA TYR A 327 -23.31 4.50 -35.81
C TYR A 327 -24.39 3.43 -35.83
N ASN A 328 -24.56 2.73 -34.70
CA ASN A 328 -25.46 1.59 -34.61
C ASN A 328 -26.10 1.51 -33.22
N ASP A 329 -27.34 1.97 -33.12
CA ASP A 329 -28.02 2.06 -31.82
C ASP A 329 -28.45 0.71 -31.26
N ASP A 330 -28.64 -0.28 -32.12
CA ASP A 330 -29.03 -1.63 -31.66
C ASP A 330 -27.90 -2.29 -30.90
N ILE A 331 -26.67 -2.17 -31.43
CA ILE A 331 -25.47 -2.72 -30.80
C ILE A 331 -25.16 -1.97 -29.49
N VAL A 332 -25.24 -0.64 -29.55
CA VAL A 332 -24.95 0.20 -28.39
C VAL A 332 -25.94 -0.06 -27.25
N ASP A 333 -27.22 -0.23 -27.59
CA ASP A 333 -28.25 -0.60 -26.60
C ASP A 333 -27.87 -1.88 -25.86
N ALA A 334 -27.45 -2.89 -26.62
CA ALA A 334 -27.07 -4.18 -26.02
C ALA A 334 -25.97 -4.00 -24.98
N TYR A 335 -25.03 -3.09 -25.27
CA TYR A 335 -23.94 -2.78 -24.33
C TYR A 335 -24.43 -2.07 -23.08
N VAL A 336 -24.99 -0.88 -23.26
CA VAL A 336 -25.36 -0.04 -22.11
C VAL A 336 -26.43 -0.66 -21.22
N ASN A 337 -27.33 -1.44 -21.82
CA ASN A 337 -28.39 -2.12 -21.06
C ASN A 337 -28.06 -3.58 -20.78
N HIS A 338 -26.78 -3.91 -20.68
CA HIS A 338 -26.35 -5.29 -20.44
C HIS A 338 -26.90 -5.89 -19.13
N ALA A 339 -27.18 -5.04 -18.15
CA ALA A 339 -27.75 -5.47 -16.87
C ALA A 339 -29.27 -5.29 -16.86
N ASP B 1 -0.06 -11.41 1.20
CA ASP B 1 1.39 -11.68 1.45
C ASP B 1 2.05 -10.51 2.18
N ARG B 2 2.42 -10.74 3.43
CA ARG B 2 3.04 -9.73 4.28
C ARG B 2 4.50 -10.10 4.58
N SER B 3 5.07 -10.97 3.75
CA SER B 3 6.39 -11.55 3.98
C SER B 3 7.55 -10.55 3.91
N ARG B 4 7.32 -9.39 3.30
CA ARG B 4 8.33 -8.33 3.27
C ARG B 4 8.62 -7.84 4.70
N VAL B 5 7.58 -7.78 5.52
CA VAL B 5 7.70 -7.32 6.90
C VAL B 5 8.45 -8.34 7.75
N PHE B 6 8.08 -9.61 7.60
CA PHE B 6 8.74 -10.70 8.33
C PHE B 6 10.25 -10.74 8.07
N ASP B 7 10.65 -10.52 6.81
CA ASP B 7 12.06 -10.54 6.44
C ASP B 7 12.84 -9.43 7.12
N ILE B 8 12.26 -8.23 7.13
CA ILE B 8 12.89 -7.09 7.79
C ILE B 8 13.05 -7.37 9.28
N LEU B 9 11.99 -7.85 9.92
CA LEU B 9 12.00 -8.12 11.35
C LEU B 9 12.94 -9.28 11.72
N SER B 10 13.05 -10.27 10.85
CA SER B 10 13.94 -11.42 11.10
C SER B 10 15.41 -11.03 11.32
N ASN B 11 15.79 -9.88 10.76
CA ASN B 11 17.16 -9.36 10.93
C ASN B 11 17.46 -8.83 12.32
N ILE B 12 16.43 -8.61 13.13
CA ILE B 12 16.61 -8.14 14.50
C ILE B 12 16.99 -9.31 15.40
N ASN B 13 18.03 -9.10 16.21
CA ASN B 13 18.35 -10.01 17.30
C ASN B 13 17.35 -9.74 18.43
N ILE B 14 17.49 -8.56 19.04
CA ILE B 14 16.60 -8.13 20.11
C ILE B 14 16.73 -6.61 20.25
N GLY B 15 15.67 -5.97 20.76
CA GLY B 15 15.58 -4.51 20.79
C GLY B 15 15.80 -3.86 22.13
N TRP B 16 15.90 -2.53 22.11
CA TRP B 16 16.22 -1.74 23.29
C TRP B 16 15.55 -0.35 23.20
N ASN B 17 14.80 0.03 24.24
CA ASN B 17 14.14 1.34 24.28
C ASN B 17 15.02 2.41 24.92
N LEU B 18 15.12 3.56 24.27
CA LEU B 18 15.73 4.74 24.87
C LEU B 18 14.69 5.44 25.76
N GLY B 19 14.41 4.83 26.90
CA GLY B 19 13.32 5.28 27.76
C GLY B 19 13.62 6.53 28.57
N ASN B 20 12.53 7.21 28.99
CA ASN B 20 12.60 8.41 29.82
C ASN B 20 13.57 9.47 29.29
N THR B 21 13.57 9.65 27.97
CA THR B 21 14.51 10.56 27.32
C THR B 21 13.74 11.57 26.46
N LEU B 22 13.57 11.30 25.17
CA LEU B 22 12.78 12.17 24.29
C LEU B 22 11.28 12.08 24.61
N ASP B 23 10.89 11.01 25.29
CA ASP B 23 9.52 10.83 25.79
C ASP B 23 9.22 11.66 27.05
N ALA B 24 10.26 12.10 27.75
CA ALA B 24 10.12 12.92 28.95
C ALA B 24 9.40 14.23 28.62
N THR B 25 8.55 14.69 29.54
CA THR B 25 7.60 15.76 29.28
C THR B 25 7.90 17.08 30.02
N GLY B 26 9.07 17.19 30.66
CA GLY B 26 9.45 18.44 31.31
C GLY B 26 10.07 19.39 30.30
N GLY B 27 10.47 20.58 30.75
CA GLY B 27 11.18 21.53 29.90
C GLY B 27 10.32 22.31 28.90
N GLY B 28 9.03 21.99 28.80
CA GLY B 28 8.12 22.69 27.90
C GLY B 28 8.51 22.55 26.45
N ASN B 29 8.44 23.66 25.70
CA ASN B 29 8.82 23.70 24.30
C ASN B 29 10.31 24.00 24.15
N SER B 30 11.13 23.02 24.49
CA SER B 30 12.59 23.17 24.49
C SER B 30 13.25 21.81 24.28
N VAL B 31 14.46 21.83 23.73
CA VAL B 31 15.24 20.60 23.58
C VAL B 31 15.67 20.01 24.93
N ASN B 32 15.59 20.81 26.00
CA ASN B 32 15.90 20.37 27.36
C ASN B 32 14.93 19.33 27.93
N ALA B 33 13.80 19.12 27.24
CA ALA B 33 12.86 18.08 27.61
C ALA B 33 13.56 16.72 27.73
N GLU B 34 14.52 16.49 26.85
CA GLU B 34 15.29 15.24 26.82
C GLU B 34 15.88 14.88 28.19
N THR B 35 16.40 15.88 28.89
CA THR B 35 17.08 15.67 30.17
C THR B 35 16.19 15.93 31.39
N SER B 36 14.93 16.26 31.15
CA SER B 36 14.04 16.72 32.21
C SER B 36 13.70 15.65 33.26
N TRP B 37 13.84 14.37 32.90
CA TRP B 37 13.59 13.28 33.84
C TRP B 37 14.88 12.64 34.38
N GLY B 38 15.99 13.38 34.29
CA GLY B 38 17.24 12.99 34.95
C GLY B 38 18.26 12.22 34.12
N ASN B 39 17.91 11.93 32.87
CA ASN B 39 18.85 11.24 31.98
C ASN B 39 19.76 12.24 31.28
N PRO B 40 20.97 11.79 30.91
CA PRO B 40 21.88 12.69 30.23
C PRO B 40 21.53 12.81 28.75
N LYS B 41 21.93 13.91 28.13
CA LYS B 41 21.68 14.11 26.71
C LYS B 41 22.26 12.93 25.93
N THR B 42 21.46 12.36 25.03
CA THR B 42 21.87 11.19 24.27
C THR B 42 23.03 11.51 23.34
N THR B 43 23.93 10.54 23.19
CA THR B 43 25.13 10.69 22.37
C THR B 43 25.30 9.49 21.44
N GLN B 44 26.10 9.68 20.39
CA GLN B 44 26.41 8.59 19.47
C GLN B 44 26.99 7.40 20.24
N GLU B 45 27.86 7.70 21.19
CA GLU B 45 28.52 6.67 22.01
C GLU B 45 27.50 5.78 22.72
N ILE B 46 26.46 6.38 23.29
CA ILE B 46 25.45 5.63 24.02
C ILE B 46 24.74 4.62 23.11
N VAL B 47 24.40 5.04 21.91
CA VAL B 47 23.76 4.16 20.93
C VAL B 47 24.72 3.06 20.48
N ASP B 48 25.98 3.42 20.27
CA ASP B 48 27.03 2.45 19.91
C ASP B 48 27.08 1.33 20.93
N THR B 49 27.15 1.71 22.21
CA THR B 49 27.20 0.76 23.32
C THR B 49 26.05 -0.22 23.29
N VAL B 50 24.84 0.31 23.05
CA VAL B 50 23.65 -0.52 22.93
C VAL B 50 23.81 -1.50 21.78
N ASN B 51 24.20 -0.97 20.62
CA ASN B 51 24.40 -1.79 19.42
C ASN B 51 25.50 -2.83 19.59
N ASP B 52 26.65 -2.41 20.11
CA ASP B 52 27.80 -3.30 20.31
C ASP B 52 27.47 -4.51 21.17
N ARG B 53 26.60 -4.32 22.16
CA ARG B 53 26.25 -5.38 23.11
C ARG B 53 25.39 -6.47 22.48
N GLY B 54 24.71 -6.15 21.38
CA GLY B 54 23.84 -7.11 20.69
C GLY B 54 22.44 -6.62 20.40
N PHE B 55 22.06 -5.47 20.96
CA PHE B 55 20.77 -4.86 20.67
C PHE B 55 20.87 -4.12 19.34
N ASN B 56 20.64 -4.82 18.23
CA ASN B 56 20.76 -4.20 16.90
C ASN B 56 19.49 -3.48 16.43
N ALA B 57 18.48 -3.44 17.31
CA ALA B 57 17.26 -2.66 17.07
C ALA B 57 17.02 -1.73 18.24
N ILE B 58 16.58 -0.50 17.94
CA ILE B 58 16.36 0.51 18.96
C ILE B 58 15.01 1.21 18.76
N ARG B 59 14.27 1.35 19.85
CA ARG B 59 13.00 2.09 19.85
C ARG B 59 13.25 3.44 20.48
N ILE B 60 12.87 4.49 19.77
CA ILE B 60 13.07 5.86 20.22
C ILE B 60 11.69 6.42 20.52
N PRO B 61 11.25 6.32 21.79
CA PRO B 61 9.97 6.91 22.13
C PRO B 61 10.10 8.43 22.20
N VAL B 62 9.12 9.14 21.65
CA VAL B 62 9.13 10.60 21.63
C VAL B 62 7.74 11.15 21.96
N THR B 63 7.71 12.14 22.85
CA THR B 63 6.48 12.84 23.18
C THR B 63 6.58 14.23 22.56
N PHE B 64 5.66 14.53 21.65
CA PHE B 64 5.71 15.76 20.85
C PHE B 64 4.85 16.88 21.43
N ALA B 65 3.79 16.51 22.15
CA ALA B 65 2.79 17.45 22.69
C ALA B 65 3.29 18.87 22.93
N ASN B 66 4.25 19.01 23.84
CA ASN B 66 4.71 20.33 24.28
C ASN B 66 5.56 21.08 23.24
N HIS B 67 5.88 20.40 22.14
CA HIS B 67 6.64 20.99 21.07
C HIS B 67 5.80 21.30 19.85
N LEU B 68 4.49 21.10 19.97
CA LEU B 68 3.56 21.35 18.88
C LEU B 68 3.03 22.77 18.93
N GLY B 69 2.83 23.36 17.76
CA GLY B 69 2.11 24.62 17.65
C GLY B 69 0.62 24.36 17.82
N PRO B 70 -0.20 25.40 17.64
CA PRO B 70 -1.65 25.26 17.80
C PRO B 70 -2.30 24.45 16.69
N ALA B 71 -3.53 24.01 16.93
CA ALA B 71 -4.33 23.36 15.91
C ALA B 71 -4.69 24.37 14.83
N PRO B 72 -4.91 23.91 13.59
CA PRO B 72 -4.89 22.52 13.10
C PRO B 72 -3.53 22.06 12.54
N GLU B 73 -2.55 22.95 12.45
CA GLU B 73 -1.26 22.60 11.86
C GLU B 73 -0.45 21.71 12.80
N TYR B 74 -0.50 22.00 14.11
CA TYR B 74 0.30 21.30 15.10
C TYR B 74 1.76 21.25 14.68
N THR B 75 2.27 22.39 14.20
CA THR B 75 3.63 22.43 13.66
C THR B 75 4.65 22.05 14.73
N ILE B 76 5.50 21.09 14.40
CA ILE B 76 6.53 20.64 15.33
C ILE B 76 7.65 21.67 15.34
N SER B 77 8.01 22.14 16.53
CA SER B 77 9.05 23.13 16.68
C SER B 77 10.32 22.64 15.98
N ALA B 78 10.89 23.50 15.14
CA ALA B 78 12.02 23.14 14.29
C ALA B 78 13.18 22.52 15.06
N ASP B 79 13.51 23.12 16.20
CA ASP B 79 14.61 22.62 17.05
C ASP B 79 14.35 21.20 17.57
N TRP B 80 13.10 20.91 17.93
CA TRP B 80 12.74 19.59 18.44
C TRP B 80 12.84 18.52 17.37
N LEU B 81 12.28 18.80 16.20
CA LEU B 81 12.36 17.88 15.05
C LEU B 81 13.82 17.62 14.68
N ALA B 82 14.63 18.67 14.67
CA ALA B 82 16.07 18.54 14.42
C ALA B 82 16.73 17.60 15.41
N ARG B 83 16.40 17.74 16.68
CA ARG B 83 16.99 16.92 17.73
C ARG B 83 16.57 15.46 17.60
N VAL B 84 15.30 15.25 17.27
CA VAL B 84 14.78 13.89 17.09
C VAL B 84 15.54 13.22 15.94
N LYS B 85 15.76 13.98 14.87
CA LYS B 85 16.52 13.50 13.72
C LYS B 85 17.95 13.10 14.11
N GLU B 86 18.61 13.94 14.91
CA GLU B 86 19.95 13.63 15.44
C GLU B 86 20.00 12.27 16.14
N VAL B 87 19.04 12.02 17.01
CA VAL B 87 19.04 10.78 17.79
C VAL B 87 18.72 9.58 16.90
N VAL B 88 17.80 9.76 15.96
CA VAL B 88 17.54 8.73 14.94
C VAL B 88 18.82 8.48 14.14
N ASP B 89 19.50 9.56 13.75
CA ASP B 89 20.72 9.47 12.97
C ASP B 89 21.84 8.70 13.67
N TYR B 90 21.87 8.73 15.00
CA TYR B 90 22.84 7.93 15.74
C TYR B 90 22.66 6.45 15.40
N ALA B 91 21.41 6.00 15.38
CA ALA B 91 21.09 4.60 15.10
C ALA B 91 21.39 4.26 13.63
N VAL B 92 21.05 5.18 12.73
CA VAL B 92 21.26 4.99 11.28
C VAL B 92 22.74 4.87 10.95
N ASN B 93 23.56 5.69 11.59
CA ASN B 93 25.02 5.60 11.46
C ASN B 93 25.56 4.21 11.78
N ASP B 94 24.86 3.48 12.66
CA ASP B 94 25.26 2.14 13.04
C ASP B 94 24.46 1.06 12.29
N GLY B 95 23.68 1.46 11.29
CA GLY B 95 22.90 0.53 10.50
C GLY B 95 21.93 -0.29 11.32
N MSE B 96 21.37 0.34 12.35
CA MSE B 96 20.45 -0.34 13.26
C MSE B 96 19.04 -0.31 12.72
O MSE B 96 18.70 0.52 11.87
CB MSE B 96 20.44 0.34 14.62
CG MSE B 96 21.78 0.18 15.32
SE MSE B 96 21.76 1.24 16.98
CE MSE B 96 20.83 -0.13 18.05
N TYR B 97 18.22 -1.22 13.22
CA TYR B 97 16.78 -1.20 12.98
C TYR B 97 16.15 -0.29 14.01
N ILE B 98 15.22 0.56 13.59
CA ILE B 98 14.74 1.66 14.43
C ILE B 98 13.21 1.74 14.43
N ILE B 99 12.65 1.93 15.62
CA ILE B 99 11.24 2.31 15.76
C ILE B 99 11.17 3.75 16.29
N LEU B 100 10.48 4.61 15.55
CA LEU B 100 10.13 5.94 16.03
C LEU B 100 8.64 5.94 16.34
N ASP B 101 8.27 6.45 17.51
CA ASP B 101 6.86 6.51 17.89
C ASP B 101 6.44 7.90 18.35
N THR B 102 5.15 8.04 18.67
CA THR B 102 4.66 9.12 19.51
C THR B 102 4.36 8.45 20.84
N HIS B 103 4.70 9.10 21.95
CA HIS B 103 4.70 8.42 23.24
C HIS B 103 3.64 8.94 24.23
N HIS B 104 4.01 9.84 25.13
CA HIS B 104 3.09 10.29 26.19
C HIS B 104 2.16 11.39 25.71
N GLU B 105 1.67 11.26 24.47
CA GLU B 105 0.64 12.16 23.94
C GLU B 105 -0.65 11.94 24.73
N THR B 106 -0.77 10.75 25.32
CA THR B 106 -1.84 10.39 26.23
C THR B 106 -1.98 11.27 27.46
N ASN B 107 -0.89 11.90 27.89
CA ASN B 107 -0.93 12.90 28.96
C ASN B 107 -1.58 14.20 28.52
N TYR B 108 -1.67 14.42 27.21
CA TYR B 108 -2.11 15.69 26.66
C TYR B 108 -3.34 15.55 25.76
N TRP B 109 -3.15 15.50 24.44
CA TRP B 109 -4.25 15.53 23.49
C TRP B 109 -4.86 14.16 23.20
N LEU B 110 -4.07 13.10 23.35
CA LEU B 110 -4.49 11.76 22.95
C LEU B 110 -5.31 11.06 24.05
N LYS B 111 -6.50 11.59 24.29
CA LYS B 111 -7.47 11.00 25.22
C LYS B 111 -8.56 10.29 24.42
N THR B 112 -8.61 8.97 24.46
CA THR B 112 -9.50 8.20 23.58
C THR B 112 -10.98 8.35 23.95
N ASP B 113 -11.53 9.51 23.64
CA ASP B 113 -12.97 9.76 23.74
C ASP B 113 -13.57 9.56 22.36
N PRO B 114 -14.44 8.54 22.19
CA PRO B 114 -15.06 8.30 20.87
C PRO B 114 -15.81 9.51 20.31
N ASN B 115 -16.40 10.33 21.19
CA ASN B 115 -17.10 11.54 20.77
C ASN B 115 -16.18 12.57 20.09
N ASN B 116 -14.88 12.44 20.32
CA ASN B 116 -13.90 13.39 19.78
C ASN B 116 -13.01 12.78 18.69
N GLU B 117 -13.55 11.80 17.96
CA GLU B 117 -12.79 11.04 16.96
C GLU B 117 -12.08 11.92 15.92
N ALA B 118 -12.78 12.92 15.39
CA ALA B 118 -12.23 13.75 14.33
C ALA B 118 -10.96 14.49 14.78
N ALA B 119 -11.04 15.18 15.92
CA ALA B 119 -9.91 15.94 16.45
C ALA B 119 -8.72 15.03 16.80
N LEU B 120 -9.01 13.82 17.27
CA LEU B 120 -7.97 12.84 17.56
C LEU B 120 -7.32 12.35 16.26
N CYS B 121 -8.14 11.87 15.33
CA CYS B 121 -7.64 11.41 14.02
C CYS B 121 -6.81 12.45 13.29
N GLU B 122 -7.27 13.70 13.31
CA GLU B 122 -6.63 14.78 12.56
C GLU B 122 -5.29 15.21 13.15
N GLU B 123 -5.21 15.29 14.48
CA GLU B 123 -3.96 15.68 15.13
C GLU B 123 -2.87 14.61 14.91
N LEU B 124 -3.24 13.35 15.09
CA LEU B 124 -2.31 12.24 14.85
C LEU B 124 -1.74 12.34 13.44
N ALA B 125 -2.63 12.49 12.46
CA ALA B 125 -2.24 12.60 11.05
C ALA B 125 -1.36 13.82 10.78
N ALA B 126 -1.67 14.94 11.39
CA ALA B 126 -0.91 16.18 11.17
C ALA B 126 0.51 16.06 11.70
N ILE B 127 0.66 15.38 12.84
CA ILE B 127 1.97 15.12 13.44
C ILE B 127 2.77 14.16 12.56
N TRP B 128 2.13 13.07 12.16
CA TRP B 128 2.79 12.03 11.37
C TRP B 128 3.12 12.48 9.96
N LYS B 129 2.29 13.34 9.39
CA LYS B 129 2.58 13.96 8.09
C LYS B 129 3.95 14.64 8.13
N GLN B 130 4.19 15.44 9.17
CA GLN B 130 5.46 16.17 9.33
C GLN B 130 6.64 15.25 9.59
N LEU B 131 6.44 14.26 10.46
CA LEU B 131 7.48 13.27 10.74
C LEU B 131 7.81 12.48 9.49
N ALA B 132 6.79 11.98 8.80
CA ALA B 132 6.98 11.22 7.57
C ALA B 132 7.75 12.04 6.52
N GLU B 133 7.40 13.31 6.38
CA GLU B 133 8.12 14.20 5.48
C GLU B 133 9.60 14.33 5.87
N ALA B 134 9.84 14.50 7.17
CA ALA B 134 11.21 14.66 7.68
C ALA B 134 12.10 13.43 7.45
N PHE B 135 11.50 12.25 7.49
CA PHE B 135 12.23 10.99 7.33
C PHE B 135 11.85 10.26 6.04
N LYS B 136 11.50 11.03 5.01
CA LYS B 136 11.02 10.46 3.76
C LYS B 136 12.09 9.63 3.03
N ASP B 137 13.35 10.04 3.14
CA ASP B 137 14.44 9.37 2.43
C ASP B 137 15.14 8.27 3.24
N TYR B 138 14.69 8.02 4.47
CA TYR B 138 15.31 7.02 5.34
C TYR B 138 14.89 5.62 4.89
N ASP B 139 15.83 4.68 4.97
CA ASP B 139 15.64 3.35 4.41
C ASP B 139 14.68 2.46 5.22
N GLU B 140 14.56 1.19 4.81
CA GLU B 140 13.56 0.28 5.38
C GLU B 140 13.86 -0.17 6.82
N LYS B 141 15.05 0.13 7.33
CA LYS B 141 15.39 -0.20 8.71
C LYS B 141 14.69 0.71 9.71
N LEU B 142 14.23 1.87 9.25
CA LEU B 142 13.44 2.77 10.08
C LEU B 142 11.96 2.44 9.96
N MSE B 143 11.33 2.18 11.10
CA MSE B 143 9.91 1.86 11.16
C MSE B 143 9.23 2.90 12.00
O MSE B 143 9.84 3.52 12.86
CB MSE B 143 9.76 0.47 11.78
CG MSE B 143 10.71 -0.54 11.14
SE MSE B 143 10.35 -2.37 11.77
CE MSE B 143 11.86 -2.47 13.03
N PHE B 144 7.94 3.12 11.72
CA PHE B 144 7.12 4.04 12.51
C PHE B 144 6.12 3.29 13.37
N GLU B 145 5.90 3.77 14.58
CA GLU B 145 4.87 3.25 15.46
C GLU B 145 3.95 4.41 15.83
N GLY B 146 2.72 4.35 15.33
CA GLY B 146 1.79 5.48 15.40
C GLY B 146 1.57 6.06 16.78
N MSE B 147 1.31 5.19 17.75
CA MSE B 147 0.92 5.62 19.09
C MSE B 147 1.50 4.73 20.15
O MSE B 147 1.78 3.56 19.89
CB MSE B 147 -0.61 5.55 19.22
CG MSE B 147 -1.33 6.32 18.13
SE MSE B 147 -3.26 6.14 18.43
CE MSE B 147 -3.54 4.42 17.51
N ASN B 148 1.68 5.29 21.35
CA ASN B 148 2.06 4.49 22.51
C ASN B 148 0.93 4.39 23.53
N GLU B 149 0.55 3.15 23.83
CA GLU B 149 -0.53 2.83 24.77
C GLU B 149 -1.70 3.82 24.75
N PRO B 150 -2.34 3.99 23.59
CA PRO B 150 -3.44 4.95 23.46
C PRO B 150 -4.63 4.54 24.32
N ARG B 151 -5.09 5.46 25.17
CA ARG B 151 -6.10 5.14 26.17
C ARG B 151 -6.72 6.38 26.81
N MSE B 152 -7.80 6.16 27.55
CA MSE B 152 -8.43 7.20 28.37
C MSE B 152 -7.84 7.04 29.73
O MSE B 152 -8.10 6.06 30.42
CB MSE B 152 -9.94 7.00 28.36
CG MSE B 152 -10.69 7.95 29.29
SE MSE B 152 -10.50 9.81 28.67
CE MSE B 152 -12.10 9.87 27.53
N ALA B 153 -7.01 8.00 30.13
CA ALA B 153 -6.33 7.95 31.43
C ALA B 153 -7.35 8.12 32.56
N GLY B 154 -7.22 7.28 33.59
CA GLY B 154 -8.11 7.33 34.74
C GLY B 154 -9.41 6.54 34.58
N SER B 155 -9.68 6.05 33.37
CA SER B 155 -10.88 5.24 33.15
C SER B 155 -10.73 3.88 33.79
N ALA B 156 -11.85 3.24 34.08
CA ALA B 156 -11.87 1.95 34.77
C ALA B 156 -11.07 0.89 34.02
N LYS B 157 -11.27 0.82 32.70
CA LYS B 157 -10.63 -0.19 31.87
C LYS B 157 -9.40 0.33 31.11
N GLU B 158 -8.74 1.34 31.69
CA GLU B 158 -7.55 1.95 31.08
C GLU B 158 -6.48 0.91 30.72
N TRP B 159 -6.24 -0.02 31.65
CA TRP B 159 -5.20 -1.04 31.47
C TRP B 159 -5.76 -2.44 31.20
N SER B 160 -7.04 -2.51 30.81
CA SER B 160 -7.66 -3.79 30.45
C SER B 160 -8.35 -3.69 29.09
N GLY B 161 -7.76 -2.93 28.17
CA GLY B 161 -8.23 -2.86 26.80
C GLY B 161 -9.36 -1.87 26.51
N GLY B 162 -9.75 -1.07 27.51
CA GLY B 162 -10.78 -0.06 27.32
C GLY B 162 -12.16 -0.63 27.05
N THR B 163 -13.03 0.19 26.44
CA THR B 163 -14.39 -0.24 26.08
C THR B 163 -14.44 -0.58 24.59
N PRO B 164 -15.48 -1.33 24.17
CA PRO B 164 -15.64 -1.66 22.74
C PRO B 164 -15.78 -0.44 21.83
N ALA B 165 -16.38 0.63 22.34
CA ALA B 165 -16.46 1.90 21.60
C ALA B 165 -15.07 2.51 21.41
N GLU B 166 -14.25 2.46 22.46
CA GLU B 166 -12.88 2.96 22.39
C GLU B 166 -12.02 2.13 21.45
N ARG B 167 -12.29 0.84 21.36
CA ARG B 167 -11.54 -0.05 20.47
C ARG B 167 -11.85 0.20 18.99
N LYS B 168 -13.05 0.72 18.69
CA LYS B 168 -13.39 1.16 17.34
C LYS B 168 -12.58 2.41 17.00
N LEU B 169 -12.46 3.31 17.98
CA LEU B 169 -11.70 4.55 17.81
C LEU B 169 -10.21 4.28 17.53
N ILE B 170 -9.65 3.27 18.19
CA ILE B 170 -8.25 2.89 17.99
C ILE B 170 -8.03 2.37 16.57
N ASN B 171 -9.01 1.65 16.03
CA ASN B 171 -8.96 1.20 14.64
C ASN B 171 -9.00 2.38 13.67
N ALA B 172 -9.85 3.35 13.96
CA ALA B 172 -9.90 4.57 13.15
C ALA B 172 -8.57 5.33 13.20
N MSE B 173 -7.98 5.43 14.39
CA MSE B 173 -6.73 6.16 14.58
C MSE B 173 -5.56 5.45 13.92
O MSE B 173 -4.64 6.10 13.46
CB MSE B 173 -6.47 6.40 16.06
CG MSE B 173 -7.35 7.54 16.57
SE MSE B 173 -7.03 7.87 18.49
CE MSE B 173 -5.66 9.27 18.27
N ASN B 174 -5.60 4.12 13.88
CA ASN B 174 -4.59 3.34 13.17
C ASN B 174 -4.60 3.64 11.67
N LYS B 175 -5.80 3.68 11.07
CA LYS B 175 -5.94 4.00 9.65
C LYS B 175 -5.41 5.40 9.34
N ALA B 176 -5.79 6.37 10.17
CA ALA B 176 -5.36 7.75 9.99
C ALA B 176 -3.84 7.86 9.97
N PHE B 177 -3.21 7.17 10.90
CA PHE B 177 -1.75 7.10 10.99
C PHE B 177 -1.17 6.55 9.69
N ILE B 178 -1.64 5.37 9.30
CA ILE B 178 -1.19 4.73 8.07
C ILE B 178 -1.43 5.63 6.87
N ASP B 179 -2.68 6.06 6.74
CA ASP B 179 -3.11 6.92 5.65
C ASP B 179 -2.22 8.16 5.51
N ALA B 180 -1.93 8.81 6.63
CA ALA B 180 -1.15 10.05 6.63
C ALA B 180 0.28 9.83 6.15
N VAL B 181 0.89 8.74 6.60
CA VAL B 181 2.28 8.42 6.26
C VAL B 181 2.41 8.05 4.78
N ARG B 182 1.52 7.18 4.30
CA ARG B 182 1.56 6.73 2.92
C ARG B 182 1.37 7.90 1.95
N ALA B 183 0.59 8.90 2.36
CA ALA B 183 0.31 10.04 1.50
C ALA B 183 1.52 10.95 1.26
N THR B 184 2.57 10.81 2.07
CA THR B 184 3.80 11.59 1.85
C THR B 184 4.69 10.98 0.76
N GLY B 185 4.48 9.70 0.46
CA GLY B 185 5.23 9.03 -0.60
C GLY B 185 6.67 8.76 -0.22
N GLY B 186 7.55 8.76 -1.21
CA GLY B 186 8.96 8.43 -1.00
C GLY B 186 9.12 7.01 -0.50
N ASN B 187 10.06 6.81 0.43
CA ASN B 187 10.25 5.50 1.05
C ASN B 187 9.11 5.13 1.99
N ASN B 188 8.31 6.13 2.40
CA ASN B 188 7.16 5.89 3.25
C ASN B 188 6.05 5.07 2.61
N ALA B 189 6.11 4.90 1.29
CA ALA B 189 5.10 4.14 0.57
C ALA B 189 5.02 2.68 1.04
N ASP B 190 6.17 2.09 1.32
CA ASP B 190 6.22 0.69 1.80
C ASP B 190 6.94 0.50 3.14
N ARG B 191 7.26 1.61 3.83
CA ARG B 191 7.85 1.56 5.16
C ARG B 191 6.99 0.76 6.12
N VAL B 192 7.64 -0.01 7.00
CA VAL B 192 6.90 -0.78 8.00
C VAL B 192 6.27 0.17 9.01
N LEU B 193 4.94 0.17 9.07
CA LEU B 193 4.20 1.00 10.00
C LEU B 193 3.60 0.10 11.07
N ILE B 194 3.92 0.41 12.32
CA ILE B 194 3.48 -0.43 13.42
C ILE B 194 2.24 0.18 14.08
N ILE B 195 1.11 -0.53 13.97
CA ILE B 195 -0.11 -0.13 14.64
C ILE B 195 -0.16 -0.80 16.03
N CYS B 196 -1.20 -0.50 16.79
CA CYS B 196 -1.33 -1.05 18.14
C CYS B 196 -2.78 -1.21 18.58
N THR B 197 -2.93 -1.96 19.67
CA THR B 197 -4.22 -2.12 20.33
C THR B 197 -4.40 -1.01 21.36
N TYR B 198 -5.60 -0.94 21.93
CA TYR B 198 -5.89 0.00 23.01
C TYR B 198 -4.95 -0.28 24.18
N GLY B 199 -4.14 0.71 24.55
CA GLY B 199 -3.19 0.57 25.64
C GLY B 199 -2.11 -0.49 25.43
N HIS B 200 -1.90 -0.88 24.17
CA HIS B 200 -1.02 -2.00 23.84
C HIS B 200 -1.38 -3.28 24.62
N ASN B 201 -2.67 -3.41 24.96
CA ASN B 201 -3.17 -4.54 25.72
C ASN B 201 -3.32 -5.76 24.83
N SER B 202 -3.03 -6.94 25.38
CA SER B 202 -3.03 -8.17 24.59
C SER B 202 -4.01 -9.23 25.14
N ASP B 203 -5.12 -8.77 25.70
CA ASP B 203 -6.16 -9.68 26.18
C ASP B 203 -7.05 -10.07 25.01
N GLU B 204 -7.73 -11.21 25.12
CA GLU B 204 -8.53 -11.77 24.01
C GLU B 204 -9.58 -10.80 23.48
N PRO B 205 -10.33 -10.12 24.37
CA PRO B 205 -11.32 -9.16 23.87
C PRO B 205 -10.69 -7.98 23.12
N THR B 206 -9.48 -7.59 23.54
CA THR B 206 -8.75 -6.51 22.88
C THR B 206 -8.33 -6.92 21.46
N LEU B 207 -7.77 -8.11 21.35
CA LEU B 207 -7.30 -8.63 20.07
C LEU B 207 -8.45 -9.00 19.13
N LYS B 208 -9.54 -9.53 19.68
CA LYS B 208 -10.71 -9.90 18.88
C LYS B 208 -11.27 -8.71 18.11
N ASP B 209 -11.31 -7.55 18.76
CA ASP B 209 -11.87 -6.34 18.15
C ASP B 209 -10.90 -5.58 17.24
N LEU B 210 -9.63 -6.00 17.19
CA LEU B 210 -8.62 -5.30 16.40
C LEU B 210 -8.83 -5.52 14.90
N GLU B 211 -9.01 -4.42 14.18
CA GLU B 211 -9.14 -4.44 12.73
C GLU B 211 -7.75 -4.47 12.11
N ILE B 212 -7.54 -5.40 11.18
CA ILE B 212 -6.27 -5.55 10.47
C ILE B 212 -6.37 -4.82 9.13
N PRO B 213 -5.51 -3.81 8.92
CA PRO B 213 -5.55 -3.11 7.63
C PRO B 213 -5.06 -3.99 6.48
N SER B 214 -5.57 -3.73 5.29
CA SER B 214 -5.19 -4.49 4.10
C SER B 214 -3.76 -4.16 3.65
N ASP B 215 -3.27 -2.99 4.03
CA ASP B 215 -1.88 -2.60 3.75
C ASP B 215 -0.92 -3.71 4.17
N PRO B 216 -0.13 -4.25 3.23
CA PRO B 216 0.73 -5.39 3.53
C PRO B 216 1.97 -5.06 4.36
N ASN B 217 2.36 -3.78 4.41
CA ASN B 217 3.59 -3.37 5.10
C ASN B 217 3.31 -2.81 6.48
N ILE B 218 2.70 -3.62 7.34
CA ILE B 218 2.40 -3.22 8.71
C ILE B 218 2.66 -4.35 9.70
N ALA B 219 2.75 -3.97 10.98
CA ALA B 219 2.87 -4.95 12.07
C ALA B 219 2.07 -4.47 13.27
N VAL B 220 1.69 -5.41 14.13
CA VAL B 220 0.91 -5.10 15.31
C VAL B 220 1.82 -5.07 16.53
N ALA B 221 1.83 -3.95 17.26
CA ALA B 221 2.65 -3.82 18.46
C ALA B 221 1.81 -4.10 19.71
N LEU B 222 2.42 -4.84 20.63
CA LEU B 222 1.82 -5.08 21.93
C LEU B 222 2.87 -4.85 23.00
N HIS B 223 2.42 -4.62 24.22
CA HIS B 223 3.30 -4.56 25.38
C HIS B 223 2.91 -5.68 26.32
N THR B 224 3.89 -6.50 26.67
CA THR B 224 3.64 -7.66 27.50
C THR B 224 4.74 -7.81 28.53
N TYR B 225 4.59 -7.06 29.63
CA TYR B 225 5.46 -7.22 30.79
C TYR B 225 4.88 -8.36 31.61
N THR B 226 4.74 -9.53 31.00
CA THR B 226 4.02 -10.65 31.57
C THR B 226 4.97 -11.56 32.34
N PRO B 227 4.62 -11.96 33.58
CA PRO B 227 3.43 -11.56 34.35
C PRO B 227 3.63 -10.25 35.09
N TYR B 228 2.58 -9.44 35.16
CA TYR B 228 2.65 -8.11 35.78
C TYR B 228 3.29 -8.14 37.18
N PHE B 229 2.91 -9.12 37.97
CA PHE B 229 3.34 -9.19 39.37
C PHE B 229 4.78 -9.64 39.56
N PHE B 230 5.39 -10.20 38.51
CA PHE B 230 6.84 -10.44 38.54
C PHE B 230 7.59 -9.19 38.06
N THR B 231 7.08 -8.57 37.01
CA THR B 231 7.79 -7.50 36.31
C THR B 231 7.67 -6.14 36.99
N TYR B 232 6.53 -5.88 37.62
CA TYR B 232 6.28 -4.60 38.32
C TYR B 232 6.21 -4.79 39.82
N VAL B 233 6.32 -3.68 40.55
CA VAL B 233 6.18 -3.66 42.01
C VAL B 233 4.78 -3.19 42.39
N ALA B 234 4.07 -4.00 43.17
CA ALA B 234 2.67 -3.72 43.55
C ALA B 234 2.20 -4.61 44.70
N ASP B 235 0.96 -4.40 45.15
CA ASP B 235 0.32 -5.31 46.10
C ASP B 235 0.14 -6.68 45.46
N GLY B 236 0.92 -7.66 45.92
CA GLY B 236 0.84 -9.03 45.41
C GLY B 236 1.98 -9.40 44.48
N SER B 237 2.94 -8.49 44.30
CA SER B 237 4.06 -8.71 43.40
C SER B 237 5.13 -9.58 44.05
N TYR B 238 5.90 -10.28 43.21
CA TYR B 238 6.91 -11.22 43.67
C TYR B 238 8.17 -11.12 42.83
N SER B 239 9.30 -11.54 43.41
CA SER B 239 10.62 -11.44 42.76
C SER B 239 11.21 -12.81 42.43
N VAL B 240 10.48 -13.88 42.75
CA VAL B 240 10.97 -15.24 42.53
C VAL B 240 10.43 -15.78 41.21
N TRP B 241 11.30 -16.40 40.43
CA TRP B 241 10.87 -17.10 39.23
C TRP B 241 11.39 -18.53 39.24
N ASN B 242 10.47 -19.49 39.38
CA ASN B 242 10.80 -20.91 39.30
C ASN B 242 10.13 -21.65 38.13
N GLY B 243 9.20 -20.97 37.45
CA GLY B 243 8.48 -21.57 36.32
C GLY B 243 7.01 -21.86 36.60
N SER B 244 6.58 -21.69 37.86
CA SER B 244 5.20 -21.96 38.24
C SER B 244 4.20 -21.00 37.58
N LYS B 245 4.67 -19.83 37.17
CA LYS B 245 3.83 -18.84 36.51
C LYS B 245 4.12 -18.69 35.01
N LYS B 246 4.86 -19.64 34.44
CA LYS B 246 5.10 -19.64 32.99
C LYS B 246 3.78 -19.77 32.22
N ASN B 247 2.82 -20.48 32.80
CA ASN B 247 1.47 -20.58 32.25
C ASN B 247 0.83 -19.24 31.90
N ASP B 248 1.09 -18.20 32.70
CA ASP B 248 0.58 -16.85 32.41
C ASP B 248 1.11 -16.31 31.08
N ILE B 249 2.39 -16.54 30.81
CA ILE B 249 3.01 -16.10 29.56
C ILE B 249 2.46 -16.90 28.37
N THR B 250 2.42 -18.23 28.53
CA THR B 250 1.97 -19.13 27.48
C THR B 250 0.51 -18.90 27.11
N TRP B 251 -0.33 -18.75 28.12
CA TRP B 251 -1.77 -18.54 27.93
C TRP B 251 -2.03 -17.28 27.09
N GLN B 252 -1.32 -16.21 27.42
CA GLN B 252 -1.42 -14.95 26.69
C GLN B 252 -0.87 -15.09 25.26
N TYR B 253 0.27 -15.75 25.13
CA TYR B 253 0.93 -15.94 23.83
C TYR B 253 0.11 -16.78 22.86
N ASN B 254 -0.65 -17.74 23.39
CA ASN B 254 -1.53 -18.57 22.55
C ASN B 254 -2.64 -17.74 21.93
N ASN B 255 -3.15 -16.76 22.67
CA ASN B 255 -4.14 -15.81 22.14
C ASN B 255 -3.53 -14.93 21.05
N ILE B 256 -2.27 -14.55 21.22
CA ILE B 256 -1.56 -13.79 20.20
C ILE B 256 -1.41 -14.62 18.93
N LYS B 257 -1.02 -15.89 19.08
CA LYS B 257 -0.99 -16.82 17.95
C LYS B 257 -2.38 -16.97 17.32
N LYS B 258 -3.40 -17.10 18.16
CA LYS B 258 -4.77 -17.34 17.70
C LYS B 258 -5.28 -16.21 16.82
N TYR B 259 -5.00 -14.97 17.21
CA TYR B 259 -5.56 -13.80 16.54
C TYR B 259 -4.64 -13.09 15.54
N LEU B 260 -3.33 -13.32 15.61
CA LEU B 260 -2.37 -12.61 14.75
C LEU B 260 -1.42 -13.51 13.99
N ILE B 261 -0.55 -14.23 14.71
CA ILE B 261 0.56 -14.95 14.08
C ILE B 261 0.05 -16.03 13.11
N ASP B 262 -0.91 -16.84 13.56
CA ASP B 262 -1.47 -17.90 12.74
C ASP B 262 -2.37 -17.39 11.60
N LYS B 263 -2.68 -16.09 11.60
CA LYS B 263 -3.31 -15.42 10.47
C LYS B 263 -2.28 -14.77 9.53
N GLY B 264 -1.00 -14.89 9.88
CA GLY B 264 0.09 -14.32 9.07
C GLY B 264 0.31 -12.84 9.31
N ILE B 265 -0.08 -12.35 10.48
CA ILE B 265 0.09 -10.94 10.83
C ILE B 265 1.39 -10.76 11.61
N PRO B 266 2.30 -9.90 11.12
CA PRO B 266 3.54 -9.66 11.86
C PRO B 266 3.28 -9.02 13.22
N VAL B 267 3.92 -9.53 14.26
CA VAL B 267 3.77 -9.00 15.62
C VAL B 267 5.11 -8.63 16.22
N VAL B 268 5.14 -7.50 16.92
CA VAL B 268 6.34 -7.02 17.59
C VAL B 268 6.00 -6.59 19.01
N ILE B 269 6.81 -7.03 19.98
CA ILE B 269 6.68 -6.57 21.35
C ILE B 269 7.55 -5.32 21.53
N THR B 270 6.95 -4.15 21.37
CA THR B 270 7.70 -2.90 21.40
C THR B 270 8.17 -2.51 22.81
N GLU B 271 7.55 -3.09 23.84
CA GLU B 271 8.03 -2.94 25.21
C GLU B 271 7.83 -4.21 26.04
N THR B 272 8.86 -4.57 26.79
CA THR B 272 8.77 -5.57 27.85
C THR B 272 9.99 -5.44 28.74
N GLY B 273 10.06 -6.27 29.77
CA GLY B 273 11.17 -6.22 30.73
C GLY B 273 10.70 -6.52 32.14
N ALA B 274 11.64 -6.59 33.06
CA ALA B 274 11.34 -6.86 34.46
C ALA B 274 12.13 -5.91 35.35
N GLN B 275 11.45 -5.27 36.29
CA GLN B 275 12.11 -4.37 37.22
C GLN B 275 13.08 -5.15 38.09
N PHE B 276 14.23 -4.56 38.38
CA PHE B 276 15.25 -5.24 39.18
C PHE B 276 14.85 -5.24 40.65
N LYS B 277 14.65 -6.44 41.20
CA LYS B 277 14.26 -6.63 42.59
C LYS B 277 15.31 -7.45 43.33
N GLU B 278 16.57 -7.11 43.12
CA GLU B 278 17.70 -7.84 43.70
C GLU B 278 17.55 -9.34 43.47
N ASN B 279 17.26 -9.69 42.22
CA ASN B 279 16.87 -11.06 41.84
C ASN B 279 17.40 -11.41 40.45
N THR B 280 18.71 -11.21 40.27
CA THR B 280 19.37 -11.44 39.00
C THR B 280 19.13 -12.84 38.43
N GLU B 281 19.17 -13.85 39.29
CA GLU B 281 19.04 -15.24 38.86
C GLU B 281 17.61 -15.56 38.41
N ASP B 282 16.64 -14.89 39.03
CA ASP B 282 15.23 -15.08 38.69
C ASP B 282 14.87 -14.44 37.35
N ILE B 283 15.37 -13.23 37.13
CA ILE B 283 15.11 -12.50 35.88
C ILE B 283 15.71 -13.23 34.68
N VAL B 284 16.91 -13.80 34.86
CA VAL B 284 17.53 -14.62 33.82
C VAL B 284 16.63 -15.80 33.45
N ARG B 285 16.01 -16.42 34.44
CA ARG B 285 15.09 -17.54 34.18
C ARG B 285 13.79 -17.07 33.51
N TRP B 286 13.31 -15.90 33.91
CA TRP B 286 12.11 -15.31 33.30
C TRP B 286 12.37 -14.98 31.83
N ILE B 287 13.54 -14.39 31.56
CA ILE B 287 13.97 -14.09 30.20
C ILE B 287 13.96 -15.35 29.33
N GLY B 288 14.48 -16.46 29.88
CA GLY B 288 14.49 -17.74 29.18
C GLY B 288 13.09 -18.22 28.82
N ASP B 289 12.17 -18.13 29.76
CA ASP B 289 10.80 -18.57 29.53
C ASP B 289 10.03 -17.59 28.66
N TYR B 290 10.21 -16.30 28.90
CA TYR B 290 9.47 -15.25 28.18
C TYR B 290 9.94 -15.07 26.74
N VAL B 291 11.23 -14.83 26.55
CA VAL B 291 11.78 -14.59 25.22
C VAL B 291 11.80 -15.88 24.40
N GLY B 292 12.12 -17.00 25.06
CA GLY B 292 12.05 -18.32 24.43
C GLY B 292 10.66 -18.65 23.89
N THR B 293 9.62 -18.10 24.53
CA THR B 293 8.26 -18.26 24.03
C THR B 293 8.08 -17.49 22.72
N LEU B 294 8.64 -16.29 22.65
CA LEU B 294 8.55 -15.45 21.45
C LEU B 294 9.36 -16.03 20.30
N ASP B 295 10.49 -16.67 20.62
CA ASP B 295 11.35 -17.27 19.60
C ASP B 295 10.75 -18.49 18.91
N GLN B 296 9.72 -19.10 19.50
CA GLN B 296 9.00 -20.20 18.86
C GLN B 296 8.49 -19.83 17.47
N ASP B 297 8.11 -18.56 17.28
CA ASP B 297 7.63 -18.07 15.99
C ASP B 297 8.39 -16.83 15.52
N GLY B 298 9.61 -16.65 16.00
CA GLY B 298 10.48 -15.56 15.57
C GLY B 298 9.95 -14.16 15.84
N VAL B 299 9.15 -14.02 16.88
CA VAL B 299 8.63 -12.70 17.27
C VAL B 299 9.72 -11.96 18.04
N LYS B 300 9.94 -10.70 17.67
CA LYS B 300 10.98 -9.90 18.27
C LYS B 300 10.42 -9.00 19.37
N CYS B 301 11.29 -8.54 20.25
CA CYS B 301 10.88 -7.67 21.35
C CYS B 301 11.91 -6.60 21.63
N PHE B 302 11.42 -5.49 22.18
CA PHE B 302 12.26 -4.34 22.54
C PHE B 302 12.16 -4.14 24.04
N ILE B 303 13.30 -4.22 24.72
CA ILE B 303 13.32 -4.13 26.17
C ILE B 303 13.22 -2.68 26.61
N TRP B 304 12.38 -2.41 27.62
CA TRP B 304 12.26 -1.06 28.16
C TRP B 304 13.44 -0.77 29.07
N ASP B 305 14.10 0.35 28.83
CA ASP B 305 15.27 0.76 29.61
C ASP B 305 15.22 2.26 29.90
N ASN B 306 14.96 2.62 31.15
CA ASN B 306 14.78 4.01 31.57
C ASN B 306 15.96 4.57 32.36
N ASN B 307 17.03 3.79 32.46
CA ASN B 307 18.25 4.19 33.18
C ASN B 307 18.06 4.37 34.69
N ILE B 308 17.16 3.58 35.27
CA ILE B 308 16.92 3.60 36.71
C ILE B 308 17.26 2.21 37.26
N TYR B 309 18.27 2.15 38.11
CA TYR B 309 18.73 0.88 38.67
C TYR B 309 18.99 1.00 40.17
N HIS B 310 19.86 1.94 40.55
CA HIS B 310 20.20 2.15 41.96
C HIS B 310 19.17 3.01 42.68
N GLY B 311 18.83 4.15 42.10
CA GLY B 311 17.93 5.12 42.73
C GLY B 311 16.48 4.70 42.79
N ASN B 312 15.61 5.65 43.14
CA ASN B 312 14.17 5.41 43.23
C ASN B 312 13.50 5.49 41.87
N GLY B 313 12.41 4.75 41.72
CA GLY B 313 11.66 4.68 40.47
C GLY B 313 11.48 3.23 40.04
N GLU B 314 10.91 3.04 38.85
CA GLU B 314 10.78 1.71 38.27
C GLU B 314 12.15 1.29 37.77
N LYS B 315 12.69 0.21 38.31
CA LYS B 315 14.09 -0.17 38.05
C LYS B 315 14.25 -1.00 36.78
N PHE B 316 13.94 -0.39 35.64
CA PHE B 316 14.06 -1.04 34.33
C PHE B 316 15.43 -0.80 33.69
N GLY B 317 16.28 -0.01 34.35
CA GLY B 317 17.60 0.32 33.84
C GLY B 317 18.47 -0.89 33.56
N LEU B 318 19.17 -0.85 32.43
CA LEU B 318 20.16 -1.87 32.06
C LEU B 318 21.49 -1.22 31.70
N LEU B 319 21.45 -0.15 30.89
CA LEU B 319 22.66 0.58 30.51
C LEU B 319 22.87 1.83 31.37
N ASN B 320 23.95 1.86 32.14
CA ASN B 320 24.36 3.07 32.84
C ASN B 320 24.93 4.04 31.80
N ARG B 321 24.12 5.01 31.39
CA ARG B 321 24.45 5.85 30.24
C ARG B 321 25.64 6.79 30.48
N SER B 322 25.82 7.21 31.73
CA SER B 322 26.92 8.12 32.06
C SER B 322 28.29 7.42 32.02
N LEU B 323 28.32 6.15 32.41
CA LEU B 323 29.58 5.39 32.45
C LEU B 323 29.84 4.56 31.20
N LEU B 324 28.81 4.40 30.36
CA LEU B 324 28.86 3.50 29.20
C LEU B 324 29.14 2.05 29.63
N LYS B 325 28.66 1.68 30.82
CA LYS B 325 28.73 0.31 31.30
C LYS B 325 27.34 -0.16 31.66
N TRP B 326 27.13 -1.47 31.65
CA TRP B 326 25.83 -2.04 31.96
C TRP B 326 25.70 -2.25 33.46
N TYR B 327 24.50 -1.99 33.99
CA TYR B 327 24.22 -2.16 35.41
C TYR B 327 24.35 -3.62 35.84
N ASN B 328 23.90 -4.54 34.98
CA ASN B 328 23.82 -5.95 35.32
C ASN B 328 24.09 -6.83 34.09
N ASP B 329 25.32 -7.31 33.97
CA ASP B 329 25.76 -8.05 32.77
C ASP B 329 25.12 -9.44 32.64
N ASP B 330 24.70 -10.03 33.75
CA ASP B 330 24.07 -11.35 33.72
C ASP B 330 22.70 -11.29 33.06
N ILE B 331 21.93 -10.25 33.40
CA ILE B 331 20.60 -10.03 32.82
C ILE B 331 20.73 -9.68 31.34
N VAL B 332 21.65 -8.75 31.04
CA VAL B 332 21.88 -8.32 29.66
C VAL B 332 22.34 -9.49 28.77
N ASP B 333 23.21 -10.35 29.29
CA ASP B 333 23.64 -11.55 28.57
C ASP B 333 22.45 -12.39 28.17
N ALA B 334 21.53 -12.62 29.10
CA ALA B 334 20.35 -13.43 28.84
C ALA B 334 19.52 -12.87 27.69
N TYR B 335 19.47 -11.54 27.59
CA TYR B 335 18.75 -10.87 26.51
C TYR B 335 19.45 -11.03 25.17
N VAL B 336 20.67 -10.50 25.08
CA VAL B 336 21.39 -10.47 23.79
C VAL B 336 21.74 -11.85 23.24
N ASN B 337 21.94 -12.82 24.13
CA ASN B 337 22.24 -14.21 23.72
C ASN B 337 21.01 -15.11 23.78
N HIS B 338 19.82 -14.53 23.65
CA HIS B 338 18.58 -15.31 23.75
C HIS B 338 18.46 -16.41 22.67
N ALA B 339 19.08 -16.18 21.51
CA ALA B 339 19.07 -17.16 20.42
C ALA B 339 20.36 -17.99 20.43
C TRS C . -6.22 -2.64 -30.12
C1 TRS C . -5.95 -1.14 -30.26
C2 TRS C . -5.19 -3.33 -29.21
C3 TRS C . -6.24 -3.30 -31.49
N TRS C . -7.56 -2.81 -29.52
O1 TRS C . -4.58 -0.90 -30.59
O2 TRS C . -4.60 -2.41 -28.29
O3 TRS C . -7.52 -3.09 -32.12
C2 BGC D . -4.79 -9.68 -32.13
C3 BGC D . -4.42 -8.28 -31.65
C4 BGC D . -5.31 -7.84 -30.49
C5 BGC D . -5.45 -8.97 -29.46
C6 BGC D . -5.72 -8.67 -27.98
C1 BGC D . -4.73 -10.67 -30.96
O1 BGC D . -5.01 -12.01 -31.42
O2 BGC D . -3.89 -10.08 -33.18
O3 BGC D . -4.56 -7.36 -32.74
O4 BGC D . -4.75 -6.66 -29.89
O5 BGC D . -5.69 -10.29 -29.98
O6 BGC D . -4.53 -8.89 -27.22
MG MG E . -5.90 9.82 0.74
C TRS F . 6.13 2.37 30.34
C1 TRS F . 7.02 3.39 29.62
C2 TRS F . 4.77 2.21 29.65
C3 TRS F . 5.95 2.81 31.79
N TRS F . 6.81 1.05 30.33
O1 TRS F . 6.26 4.53 29.16
O2 TRS F . 4.85 2.56 28.26
O3 TRS F . 7.06 2.36 32.57
C2 BGC G . 0.57 -1.03 34.03
C3 BGC G . 1.20 0.16 33.30
C4 BGC G . 2.06 -0.30 32.12
C5 BGC G . 1.32 -1.32 31.26
C6 BGC G . 2.18 -1.84 30.12
C1 BGC G . -0.08 -2.00 33.05
O1 BGC G . -0.58 -3.16 33.74
O2 BGC G . -0.42 -0.55 34.96
O3 BGC G . 2.01 0.89 34.22
O4 BGC G . 2.43 0.83 31.32
O5 BGC G . 0.88 -2.41 32.07
O6 BGC G . 1.39 -1.88 28.92
MG MG H . 10.75 3.07 -2.47
#